data_3FUC
#
_entry.id   3FUC
#
_cell.length_a   135.795
_cell.length_b   78.253
_cell.length_c   94.901
_cell.angle_alpha   90.00
_cell.angle_beta   97.19
_cell.angle_gamma   90.00
#
_symmetry.space_group_name_H-M   'C 1 2 1'
#
loop_
_entity.id
_entity.type
_entity.pdbx_description
1 polymer 'Purine nucleoside phosphorylase'
2 non-polymer '[5-(2-amino-4-oxo-4,5-dihydro-3H-pyrrolo[3,2-d]pyrimidin-7-yl)-1,1-difluoropentyl]phosphonic acid'
3 non-polymer 'MAGNESIUM ION'
4 non-polymer 'AZIDE ION'
5 water water
#
_entity_poly.entity_id   1
_entity_poly.type   'polypeptide(L)'
_entity_poly.pdbx_seq_one_letter_code
;MQNGYTYEDYQDTAKWLLSHTEQRPQVAVICGSGLGGLVNKLTQAQTFDYSEIPNFPESTVPGHAGRLVFGILNGRACVM
MQGRFHMYEGYPFWKVTFPVRVFRLLGVETLVVTNAAGGLNPNFEVGDIMLIRDHINLPGFSGENPLRGPNEERFGVRFP
AMSDAYDRDMRQKAHSTWKQMGEQRELQEGTYVMLGGPNFETVAECRLLRNLGADAVGMSTVPEVIVARHCGLRVFGFSL
ITNKVIMDYESQGKANHEEVLEAGKQAAQKLEQFVSLLMASIPV
;
_entity_poly.pdbx_strand_id   A,B,C
#
# COMPACT_ATOMS: atom_id res chain seq x y z
N ASN A 3 1.04 -17.68 -3.02
CA ASN A 3 2.29 -18.44 -2.72
C ASN A 3 2.46 -19.59 -3.72
N GLY A 4 3.56 -19.53 -4.45
CA GLY A 4 3.90 -20.52 -5.48
C GLY A 4 4.45 -21.81 -4.91
N TYR A 5 4.75 -21.84 -3.60
CA TYR A 5 5.23 -23.06 -2.95
C TYR A 5 4.13 -23.90 -2.32
N THR A 6 4.19 -25.21 -2.56
CA THR A 6 3.37 -26.16 -1.82
C THR A 6 4.11 -26.50 -0.53
N TYR A 7 3.39 -27.09 0.42
CA TYR A 7 3.98 -27.55 1.67
C TYR A 7 5.12 -28.52 1.39
N GLU A 8 4.92 -29.37 0.38
CA GLU A 8 5.90 -30.38 0.00
C GLU A 8 7.20 -29.76 -0.51
N ASP A 9 7.12 -28.58 -1.14
CA ASP A 9 8.32 -27.82 -1.56
C ASP A 9 9.20 -27.46 -0.37
N TYR A 10 8.57 -26.93 0.70
CA TYR A 10 9.31 -26.64 1.91
C TYR A 10 9.92 -27.91 2.51
N GLN A 11 9.14 -28.99 2.54
CA GLN A 11 9.60 -30.28 3.03
C GLN A 11 10.79 -30.80 2.23
N ASP A 12 10.70 -30.68 0.90
CA ASP A 12 11.78 -31.15 0.02
C ASP A 12 13.09 -30.41 0.35
N THR A 13 13.01 -29.10 0.47
CA THR A 13 14.19 -28.30 0.76
C THR A 13 14.76 -28.61 2.13
N ALA A 14 13.89 -28.71 3.14
CA ALA A 14 14.33 -29.09 4.47
C ALA A 14 15.03 -30.46 4.43
N LYS A 15 14.41 -31.44 3.80
CA LYS A 15 15.01 -32.77 3.65
C LYS A 15 16.38 -32.74 2.96
N TRP A 16 16.49 -31.96 1.87
CA TRP A 16 17.74 -31.80 1.13
C TRP A 16 18.84 -31.31 2.07
N LEU A 17 18.54 -30.24 2.81
CA LEU A 17 19.51 -29.68 3.77
C LEU A 17 19.89 -30.69 4.88
N LEU A 18 18.88 -31.35 5.44
CA LEU A 18 19.10 -32.30 6.53
C LEU A 18 19.93 -33.50 6.06
N SER A 19 19.91 -33.78 4.77
N SER A 19 19.91 -33.74 4.75
CA SER A 19 20.70 -34.90 4.27
CA SER A 19 20.63 -34.86 4.11
C SER A 19 22.13 -34.45 3.98
C SER A 19 22.01 -34.46 3.63
N HIS A 20 22.31 -33.16 3.67
CA HIS A 20 23.61 -32.63 3.24
C HIS A 20 24.47 -32.18 4.40
N THR A 21 23.88 -32.11 5.59
CA THR A 21 24.62 -31.78 6.80
C THR A 21 24.07 -32.56 7.97
N GLU A 22 24.93 -32.91 8.93
N GLU A 22 24.95 -32.86 8.91
CA GLU A 22 24.41 -33.58 10.13
CA GLU A 22 24.63 -33.57 10.14
C GLU A 22 24.19 -32.59 11.29
C GLU A 22 24.16 -32.59 11.23
N GLN A 23 24.41 -31.30 11.00
CA GLN A 23 24.13 -30.26 11.97
C GLN A 23 22.62 -30.08 12.14
N ARG A 24 22.21 -29.85 13.39
CA ARG A 24 20.80 -29.67 13.71
C ARG A 24 20.59 -28.38 14.51
N PRO A 25 20.49 -27.26 13.80
CA PRO A 25 20.47 -25.97 14.48
C PRO A 25 19.15 -25.67 15.18
N GLN A 26 19.24 -24.94 16.29
N GLN A 26 19.17 -24.98 16.32
CA GLN A 26 18.07 -24.51 17.02
CA GLN A 26 17.90 -24.50 16.89
C GLN A 26 17.79 -23.02 16.76
C GLN A 26 17.78 -22.99 16.81
N VAL A 27 18.80 -22.35 16.22
CA VAL A 27 18.77 -20.89 16.01
C VAL A 27 19.03 -20.59 14.56
N ALA A 28 18.26 -19.66 13.96
CA ALA A 28 18.55 -19.16 12.63
C ALA A 28 18.85 -17.67 12.77
N VAL A 29 19.80 -17.17 11.98
CA VAL A 29 20.12 -15.75 11.96
C VAL A 29 20.04 -15.28 10.54
N ILE A 30 19.22 -14.25 10.29
CA ILE A 30 19.19 -13.61 8.98
C ILE A 30 20.03 -12.34 9.12
N CYS A 31 21.20 -12.36 8.50
CA CYS A 31 22.17 -11.27 8.64
C CYS A 31 21.87 -10.11 7.75
N GLY A 32 21.44 -9.01 8.34
CA GLY A 32 21.26 -7.79 7.59
C GLY A 32 22.56 -7.01 7.50
N SER A 33 22.45 -5.79 6.98
CA SER A 33 23.61 -4.92 6.72
C SER A 33 24.44 -4.74 7.97
N GLY A 34 25.75 -4.93 7.85
CA GLY A 34 26.64 -4.85 9.00
C GLY A 34 26.94 -6.21 9.63
N LEU A 35 26.10 -7.21 9.34
CA LEU A 35 26.25 -8.52 9.96
C LEU A 35 26.68 -9.60 8.93
N GLY A 36 26.97 -9.19 7.70
CA GLY A 36 27.33 -10.13 6.64
C GLY A 36 28.55 -10.98 6.99
N GLY A 37 29.46 -10.42 7.77
CA GLY A 37 30.63 -11.14 8.23
C GLY A 37 30.44 -12.16 9.35
N LEU A 38 29.22 -12.29 9.89
CA LEU A 38 29.01 -13.15 11.06
C LEU A 38 29.32 -14.60 10.74
N VAL A 39 29.04 -15.03 9.50
CA VAL A 39 29.31 -16.43 9.14
C VAL A 39 30.78 -16.79 9.29
N ASN A 40 31.65 -15.79 9.22
CA ASN A 40 33.08 -16.03 9.34
C ASN A 40 33.51 -16.35 10.76
N LYS A 41 32.62 -16.15 11.73
CA LYS A 41 32.88 -16.45 13.16
C LYS A 41 32.49 -17.88 13.56
N LEU A 42 31.89 -18.62 12.63
CA LEU A 42 31.37 -19.95 12.91
C LEU A 42 32.48 -21.00 12.92
N THR A 43 32.37 -21.93 13.85
CA THR A 43 33.19 -23.15 13.85
C THR A 43 32.40 -24.28 13.18
N GLN A 44 33.14 -25.19 12.55
CA GLN A 44 32.58 -26.34 11.85
C GLN A 44 31.52 -25.92 10.84
N ALA A 45 31.84 -24.86 10.11
CA ALA A 45 30.94 -24.26 9.13
C ALA A 45 30.79 -25.13 7.89
N GLN A 46 29.55 -25.29 7.44
CA GLN A 46 29.25 -25.94 6.16
C GLN A 46 28.40 -24.96 5.35
N THR A 47 28.80 -24.67 4.11
N THR A 47 28.80 -24.69 4.12
CA THR A 47 28.16 -23.61 3.32
CA THR A 47 28.20 -23.66 3.30
C THR A 47 27.52 -24.09 2.03
C THR A 47 27.40 -24.27 2.14
N PHE A 48 26.32 -23.59 1.76
CA PHE A 48 25.54 -23.93 0.57
C PHE A 48 25.15 -22.65 -0.13
N ASP A 49 25.51 -22.49 -1.41
CA ASP A 49 25.11 -21.34 -2.19
C ASP A 49 23.59 -21.37 -2.38
N TYR A 50 22.92 -20.23 -2.26
CA TYR A 50 21.47 -20.23 -2.53
C TYR A 50 21.13 -20.84 -3.87
N SER A 51 22.02 -20.62 -4.86
CA SER A 51 21.80 -21.09 -6.22
C SER A 51 21.67 -22.61 -6.31
N GLU A 52 22.31 -23.32 -5.39
CA GLU A 52 22.32 -24.78 -5.42
C GLU A 52 21.19 -25.42 -4.61
N ILE A 53 20.55 -24.65 -3.72
CA ILE A 53 19.58 -25.25 -2.81
C ILE A 53 18.21 -25.36 -3.47
N PRO A 54 17.61 -26.55 -3.51
CA PRO A 54 16.30 -26.72 -4.14
C PRO A 54 15.29 -25.68 -3.64
N ASN A 55 14.55 -25.10 -4.56
CA ASN A 55 13.45 -24.18 -4.29
C ASN A 55 13.86 -22.80 -3.77
N PHE A 56 15.14 -22.57 -3.50
CA PHE A 56 15.56 -21.24 -3.03
C PHE A 56 15.44 -20.19 -4.13
N PRO A 57 14.93 -19.01 -3.79
CA PRO A 57 14.88 -17.91 -4.76
C PRO A 57 16.27 -17.58 -5.36
N GLY A 66 23.90 -15.16 -2.58
CA GLY A 66 24.10 -15.38 -1.15
C GLY A 66 24.32 -16.84 -0.82
N ARG A 67 24.48 -17.14 0.46
CA ARG A 67 24.71 -18.52 0.89
C ARG A 67 24.14 -18.76 2.27
N LEU A 68 23.82 -20.03 2.49
CA LEU A 68 23.30 -20.52 3.74
C LEU A 68 24.42 -21.27 4.45
N VAL A 69 24.70 -20.90 5.71
CA VAL A 69 25.83 -21.48 6.42
C VAL A 69 25.39 -22.08 7.73
N PHE A 70 25.72 -23.35 7.96
CA PHE A 70 25.46 -24.03 9.20
C PHE A 70 26.76 -24.04 9.96
N GLY A 71 26.70 -23.75 11.26
CA GLY A 71 27.93 -23.78 12.07
C GLY A 71 27.63 -23.45 13.50
N ILE A 72 28.69 -23.40 14.31
CA ILE A 72 28.56 -23.18 15.74
C ILE A 72 28.99 -21.76 16.08
N LEU A 73 28.12 -21.01 16.76
CA LEU A 73 28.47 -19.68 17.23
C LEU A 73 28.39 -19.64 18.76
N ASN A 74 29.53 -19.41 19.39
CA ASN A 74 29.59 -19.36 20.85
C ASN A 74 28.90 -20.58 21.47
N GLY A 75 29.20 -21.77 20.94
CA GLY A 75 28.61 -23.02 21.42
C GLY A 75 27.18 -23.36 21.00
N ARG A 76 26.55 -22.51 20.19
CA ARG A 76 25.18 -22.76 19.75
C ARG A 76 25.15 -23.07 18.28
N ALA A 77 24.47 -24.16 17.91
CA ALA A 77 24.32 -24.53 16.51
C ALA A 77 23.34 -23.60 15.82
N CYS A 78 23.81 -22.98 14.74
N CYS A 78 23.78 -22.98 14.74
CA CYS A 78 23.04 -21.98 13.99
CA CYS A 78 22.92 -22.06 14.01
C CYS A 78 22.93 -22.36 12.51
C CYS A 78 22.99 -22.23 12.50
N VAL A 79 21.91 -21.83 11.84
CA VAL A 79 21.88 -21.75 10.39
C VAL A 79 21.74 -20.26 10.07
N MET A 80 22.52 -19.78 9.11
N MET A 80 22.60 -19.74 9.19
CA MET A 80 22.69 -18.35 8.91
CA MET A 80 22.67 -18.33 8.88
C MET A 80 22.62 -17.95 7.44
C MET A 80 22.43 -18.09 7.42
N MET A 81 21.77 -16.98 7.15
CA MET A 81 21.61 -16.45 5.81
C MET A 81 22.60 -15.33 5.66
N GLN A 82 23.56 -15.53 4.75
CA GLN A 82 24.47 -14.48 4.38
C GLN A 82 23.92 -13.92 3.08
N GLY A 83 23.27 -12.77 3.22
CA GLY A 83 22.47 -12.20 2.14
C GLY A 83 21.02 -12.58 2.37
N ARG A 84 20.11 -11.63 2.15
CA ARG A 84 18.68 -11.94 2.28
C ARG A 84 17.95 -11.42 1.06
N PHE A 85 16.64 -11.65 0.99
CA PHE A 85 15.87 -11.24 -0.19
C PHE A 85 15.01 -10.03 0.15
N HIS A 86 14.84 -9.14 -0.83
CA HIS A 86 14.11 -7.87 -0.60
C HIS A 86 13.01 -7.63 -1.60
N MET A 87 11.91 -7.08 -1.12
CA MET A 87 10.85 -6.62 -2.02
C MET A 87 11.41 -5.69 -3.11
N TYR A 88 12.32 -4.76 -2.76
CA TYR A 88 12.80 -3.79 -3.75
C TYR A 88 13.57 -4.44 -4.89
N GLU A 89 14.10 -5.65 -4.68
N GLU A 89 14.07 -5.66 -4.66
CA GLU A 89 14.81 -6.35 -5.76
CA GLU A 89 14.78 -6.43 -5.70
C GLU A 89 13.84 -7.15 -6.67
C GLU A 89 13.82 -6.97 -6.75
N GLY A 90 12.55 -7.06 -6.39
CA GLY A 90 11.53 -7.67 -7.25
C GLY A 90 10.97 -8.99 -6.75
N TYR A 91 11.40 -9.43 -5.56
CA TYR A 91 10.86 -10.66 -4.97
C TYR A 91 9.49 -10.42 -4.35
N PRO A 92 8.53 -11.32 -4.59
CA PRO A 92 7.31 -11.32 -3.79
C PRO A 92 7.61 -11.84 -2.38
N PHE A 93 6.77 -11.51 -1.40
CA PHE A 93 7.08 -11.89 -0.02
C PHE A 93 7.07 -13.40 0.20
N TRP A 94 6.33 -14.15 -0.60
CA TRP A 94 6.34 -15.61 -0.48
C TRP A 94 7.70 -16.21 -0.89
N LYS A 95 8.47 -15.49 -1.70
CA LYS A 95 9.87 -15.85 -1.96
C LYS A 95 10.82 -15.34 -0.89
N VAL A 96 10.63 -14.08 -0.51
CA VAL A 96 11.47 -13.46 0.52
C VAL A 96 11.50 -14.34 1.78
N THR A 97 10.34 -14.89 2.15
CA THR A 97 10.21 -15.59 3.42
C THR A 97 10.32 -17.10 3.35
N PHE A 98 10.57 -17.63 2.14
CA PHE A 98 10.71 -19.07 1.96
C PHE A 98 11.68 -19.70 3.00
N PRO A 99 12.86 -19.13 3.18
CA PRO A 99 13.81 -19.75 4.12
C PRO A 99 13.28 -19.86 5.56
N VAL A 100 12.38 -18.97 5.97
CA VAL A 100 11.93 -19.00 7.36
C VAL A 100 11.14 -20.27 7.68
N ARG A 101 10.25 -20.65 6.76
CA ARG A 101 9.52 -21.89 6.93
C ARG A 101 10.40 -23.14 6.83
N VAL A 102 11.39 -23.09 5.92
CA VAL A 102 12.41 -24.14 5.88
C VAL A 102 13.09 -24.26 7.25
N PHE A 103 13.44 -23.12 7.86
CA PHE A 103 14.12 -23.17 9.17
C PHE A 103 13.27 -23.89 10.19
N ARG A 104 11.97 -23.58 10.24
CA ARG A 104 11.10 -24.27 11.16
C ARG A 104 11.12 -25.79 10.91
N LEU A 105 11.09 -26.20 9.64
CA LEU A 105 11.10 -27.64 9.35
C LEU A 105 12.44 -28.30 9.66
N LEU A 106 13.52 -27.52 9.68
CA LEU A 106 14.82 -28.02 10.15
C LEU A 106 14.86 -28.25 11.64
N GLY A 107 13.90 -27.68 12.38
CA GLY A 107 13.91 -27.73 13.84
C GLY A 107 14.34 -26.46 14.56
N VAL A 108 14.52 -25.38 13.82
CA VAL A 108 14.86 -24.09 14.42
C VAL A 108 13.70 -23.63 15.32
N GLU A 109 14.04 -23.06 16.48
CA GLU A 109 13.01 -22.55 17.41
C GLU A 109 13.09 -21.04 17.62
N THR A 110 14.23 -20.44 17.33
CA THR A 110 14.41 -18.99 17.50
C THR A 110 15.01 -18.39 16.25
N LEU A 111 14.41 -17.30 15.77
CA LEU A 111 14.96 -16.52 14.67
C LEU A 111 15.52 -15.18 15.16
N VAL A 112 16.78 -14.92 14.83
CA VAL A 112 17.40 -13.61 15.00
C VAL A 112 17.44 -12.94 13.65
N VAL A 113 16.85 -11.75 13.55
N VAL A 113 16.96 -11.71 13.55
CA VAL A 113 16.86 -10.99 12.30
CA VAL A 113 16.89 -11.07 12.25
C VAL A 113 17.53 -9.66 12.53
C VAL A 113 17.31 -9.61 12.38
N THR A 114 18.25 -9.17 11.54
CA THR A 114 18.80 -7.81 11.66
C THR A 114 18.71 -7.07 10.35
N ASN A 115 18.95 -5.76 10.43
CA ASN A 115 18.88 -4.93 9.25
C ASN A 115 19.64 -3.64 9.50
N ALA A 116 19.82 -2.85 8.44
CA ALA A 116 20.15 -1.41 8.57
C ALA A 116 18.87 -0.59 8.46
N ALA A 117 18.85 0.57 9.11
CA ALA A 117 17.66 1.41 9.09
C ALA A 117 18.06 2.85 9.23
N GLY A 118 17.23 3.73 8.69
CA GLY A 118 17.37 5.17 8.96
C GLY A 118 16.75 5.54 10.29
N GLY A 119 17.40 6.46 11.02
CA GLY A 119 16.88 6.89 12.31
C GLY A 119 15.82 7.96 12.15
N LEU A 120 14.60 7.62 12.56
CA LEU A 120 13.53 8.60 12.62
C LEU A 120 13.46 9.30 13.97
N ASN A 121 13.82 8.55 15.00
CA ASN A 121 13.86 9.09 16.35
C ASN A 121 15.07 10.04 16.44
N PRO A 122 14.86 11.33 16.74
CA PRO A 122 15.94 12.32 16.72
C PRO A 122 16.97 12.08 17.84
N ASN A 123 16.62 11.24 18.81
CA ASN A 123 17.54 10.86 19.91
C ASN A 123 18.55 9.77 19.53
N PHE A 124 18.43 9.22 18.31
CA PHE A 124 19.34 8.20 17.83
C PHE A 124 20.53 8.88 17.15
N GLU A 125 21.66 8.17 17.11
CA GLU A 125 22.84 8.63 16.43
C GLU A 125 23.28 7.54 15.50
N VAL A 126 24.04 7.93 14.48
CA VAL A 126 24.61 6.97 13.55
C VAL A 126 25.51 6.00 14.31
N GLY A 127 25.30 4.71 14.04
CA GLY A 127 26.02 3.64 14.72
C GLY A 127 25.29 3.01 15.88
N ASP A 128 24.15 3.58 16.27
CA ASP A 128 23.31 3.01 17.32
C ASP A 128 22.74 1.67 16.89
N ILE A 129 22.57 0.79 17.87
CA ILE A 129 21.80 -0.45 17.68
C ILE A 129 20.46 -0.21 18.35
N MET A 130 19.38 -0.45 17.59
CA MET A 130 18.05 -0.38 18.13
C MET A 130 17.41 -1.77 18.18
N LEU A 131 17.21 -2.31 19.38
CA LEU A 131 16.40 -3.50 19.52
C LEU A 131 15.01 -3.24 18.94
N ILE A 132 14.49 -4.22 18.21
CA ILE A 132 13.13 -4.06 17.67
C ILE A 132 12.13 -4.55 18.70
N ARG A 133 11.37 -3.61 19.28
CA ARG A 133 10.32 -3.96 20.20
C ARG A 133 9.00 -4.24 19.47
N ASP A 134 8.87 -3.63 18.29
CA ASP A 134 7.60 -3.69 17.56
C ASP A 134 7.85 -3.25 16.14
N HIS A 135 6.88 -3.50 15.25
CA HIS A 135 7.00 -3.04 13.87
C HIS A 135 5.70 -2.44 13.35
N ILE A 136 5.82 -1.73 12.23
CA ILE A 136 4.69 -1.29 11.43
C ILE A 136 4.93 -1.82 10.02
N ASN A 137 3.95 -2.59 9.53
CA ASN A 137 4.10 -3.24 8.22
C ASN A 137 3.30 -2.47 7.17
N LEU A 138 3.90 -1.48 6.55
CA LEU A 138 3.14 -0.68 5.55
C LEU A 138 2.69 -1.51 4.34
N PRO A 139 3.56 -2.34 3.73
CA PRO A 139 3.06 -3.15 2.60
C PRO A 139 1.87 -4.03 3.04
N GLY A 140 1.89 -4.49 4.27
CA GLY A 140 0.75 -5.30 4.74
C GLY A 140 -0.56 -4.53 4.80
N PHE A 141 -0.52 -3.22 4.98
CA PHE A 141 -1.77 -2.45 4.99
C PHE A 141 -2.47 -2.59 3.64
N SER A 142 -1.73 -2.71 2.54
N SER A 142 -1.67 -2.74 2.57
CA SER A 142 -2.37 -2.84 1.24
CA SER A 142 -2.17 -2.88 1.19
C SER A 142 -2.59 -4.28 0.80
C SER A 142 -2.35 -4.32 0.72
N GLY A 143 -2.23 -5.24 1.67
CA GLY A 143 -2.42 -6.65 1.40
C GLY A 143 -1.21 -7.38 0.86
N GLU A 144 -0.09 -6.66 0.74
N GLU A 144 -0.09 -6.66 0.70
CA GLU A 144 1.16 -7.27 0.31
CA GLU A 144 1.18 -7.28 0.30
C GLU A 144 1.76 -7.99 1.52
C GLU A 144 1.71 -7.98 1.54
N ASN A 145 1.57 -9.30 1.58
CA ASN A 145 1.78 -10.07 2.82
C ASN A 145 2.17 -11.48 2.47
N PRO A 146 3.22 -12.02 3.08
CA PRO A 146 3.64 -13.39 2.75
C PRO A 146 2.59 -14.45 3.06
N LEU A 147 1.60 -14.12 3.92
CA LEU A 147 0.53 -15.07 4.27
C LEU A 147 -0.67 -14.98 3.34
N ARG A 148 -0.69 -14.03 2.42
CA ARG A 148 -1.83 -13.93 1.50
C ARG A 148 -1.99 -15.22 0.72
N GLY A 149 -3.22 -15.65 0.57
CA GLY A 149 -3.52 -16.89 -0.14
C GLY A 149 -4.07 -17.91 0.86
N PRO A 150 -4.30 -19.15 0.43
N PRO A 150 -4.38 -19.12 0.39
CA PRO A 150 -4.89 -20.12 1.34
CA PRO A 150 -4.77 -20.21 1.28
C PRO A 150 -3.89 -20.44 2.44
C PRO A 150 -3.84 -20.35 2.47
N ASN A 151 -4.40 -20.62 3.65
CA ASN A 151 -3.56 -20.86 4.82
C ASN A 151 -3.09 -22.31 4.87
N GLU A 152 -1.82 -22.50 5.22
CA GLU A 152 -1.31 -23.86 5.45
C GLU A 152 -1.30 -24.13 6.95
N GLU A 153 -2.27 -24.92 7.40
CA GLU A 153 -2.45 -25.21 8.81
C GLU A 153 -1.31 -26.00 9.43
N ARG A 154 -0.55 -26.71 8.59
CA ARG A 154 0.63 -27.40 9.11
C ARG A 154 1.71 -26.43 9.55
N PHE A 155 1.64 -25.17 9.09
CA PHE A 155 2.52 -24.12 9.63
C PHE A 155 1.90 -23.33 10.77
N GLY A 156 0.67 -22.88 10.58
CA GLY A 156 0.02 -22.05 11.59
C GLY A 156 -1.40 -21.67 11.26
N VAL A 157 -1.94 -20.72 12.03
CA VAL A 157 -3.38 -20.41 11.94
C VAL A 157 -3.68 -19.37 10.88
N ARG A 158 -4.94 -19.29 10.47
CA ARG A 158 -5.35 -18.35 9.43
C ARG A 158 -5.05 -16.89 9.79
N PHE A 159 -5.35 -16.53 11.04
CA PHE A 159 -5.23 -15.14 11.47
C PHE A 159 -4.25 -15.04 12.65
N PRO A 160 -2.94 -15.09 12.39
CA PRO A 160 -1.98 -15.09 13.50
C PRO A 160 -1.85 -13.71 14.13
N ALA A 161 -1.69 -13.65 15.44
CA ALA A 161 -1.45 -12.36 16.13
C ALA A 161 -0.01 -11.95 15.99
N MET A 162 0.20 -10.63 15.92
CA MET A 162 1.52 -10.04 15.83
C MET A 162 1.88 -9.15 17.01
N SER A 163 0.96 -8.98 17.97
CA SER A 163 1.18 -8.00 19.03
C SER A 163 2.29 -8.41 20.01
N ASP A 164 2.61 -9.69 20.05
CA ASP A 164 3.72 -10.18 20.90
C ASP A 164 4.89 -10.72 20.08
N ALA A 165 5.12 -10.14 18.90
CA ALA A 165 6.08 -10.74 17.98
C ALA A 165 7.52 -10.79 18.46
N TYR A 166 7.97 -9.72 19.13
CA TYR A 166 9.39 -9.59 19.49
C TYR A 166 9.54 -10.01 20.94
N ASP A 167 10.08 -11.21 21.13
CA ASP A 167 10.19 -11.82 22.45
C ASP A 167 10.67 -10.87 23.56
N ARG A 168 9.87 -10.74 24.61
N ARG A 168 9.86 -10.73 24.60
CA ARG A 168 10.21 -9.83 25.69
CA ARG A 168 10.19 -9.85 25.72
C ARG A 168 11.44 -10.27 26.49
C ARG A 168 11.47 -10.28 26.45
N ASP A 169 11.56 -11.57 26.75
CA ASP A 169 12.69 -12.09 27.54
C ASP A 169 14.00 -11.81 26.82
N MET A 170 14.02 -12.08 25.51
N MET A 170 14.03 -12.05 25.51
CA MET A 170 15.22 -11.83 24.73
CA MET A 170 15.27 -11.82 24.77
C MET A 170 15.67 -10.37 24.77
C MET A 170 15.67 -10.35 24.69
N ARG A 171 14.70 -9.46 24.72
CA ARG A 171 15.03 -8.04 24.77
C ARG A 171 15.63 -7.65 26.12
N GLN A 172 15.06 -8.19 27.20
CA GLN A 172 15.65 -8.00 28.53
C GLN A 172 17.08 -8.55 28.61
N LYS A 173 17.30 -9.74 28.08
CA LYS A 173 18.65 -10.31 28.07
C LYS A 173 19.62 -9.57 27.14
N ALA A 174 19.11 -8.97 26.07
CA ALA A 174 19.96 -8.19 25.21
C ALA A 174 20.47 -6.94 25.93
N HIS A 175 19.58 -6.32 26.71
CA HIS A 175 19.99 -5.15 27.48
C HIS A 175 21.09 -5.52 28.45
N SER A 176 20.94 -6.67 29.12
CA SER A 176 21.98 -7.16 30.05
C SER A 176 23.27 -7.48 29.34
N THR A 177 23.18 -8.13 28.18
CA THR A 177 24.37 -8.47 27.40
C THR A 177 25.17 -7.25 26.95
N TRP A 178 24.45 -6.22 26.50
CA TRP A 178 25.07 -4.99 26.07
C TRP A 178 25.87 -4.34 27.20
N LYS A 179 25.31 -4.37 28.40
CA LYS A 179 26.01 -3.85 29.58
C LYS A 179 27.31 -4.63 29.80
N GLN A 180 27.25 -5.96 29.76
N GLN A 180 27.24 -5.96 29.78
CA GLN A 180 28.45 -6.82 29.91
CA GLN A 180 28.41 -6.84 29.89
C GLN A 180 29.55 -6.43 28.93
C GLN A 180 29.53 -6.43 28.93
N MET A 181 29.15 -5.97 27.74
CA MET A 181 30.11 -5.53 26.71
C MET A 181 30.83 -4.21 27.04
N GLY A 182 30.27 -3.42 27.96
CA GLY A 182 30.85 -2.11 28.32
C GLY A 182 30.95 -1.10 27.18
N GLU A 183 30.05 -1.20 26.20
CA GLU A 183 29.91 -0.16 25.19
C GLU A 183 29.45 1.10 25.87
N GLN A 184 29.98 2.23 25.46
CA GLN A 184 29.58 3.49 26.08
C GLN A 184 28.26 4.05 25.56
N ARG A 185 28.00 3.84 24.27
CA ARG A 185 26.73 4.21 23.68
C ARG A 185 25.64 3.24 24.18
N GLU A 186 24.52 3.76 24.70
CA GLU A 186 23.39 2.95 25.16
C GLU A 186 22.73 2.16 24.00
N LEU A 187 22.10 1.07 24.37
CA LEU A 187 21.34 0.25 23.43
C LEU A 187 19.98 0.93 23.30
N GLN A 188 19.57 1.21 22.06
CA GLN A 188 18.24 1.76 21.80
C GLN A 188 17.19 0.65 21.66
N GLU A 189 15.91 1.02 21.72
CA GLU A 189 14.82 0.05 21.58
C GLU A 189 13.60 0.80 21.08
N GLY A 190 12.94 0.29 20.03
CA GLY A 190 11.81 1.01 19.47
C GLY A 190 11.15 0.26 18.33
N THR A 191 10.39 1.02 17.55
CA THR A 191 9.55 0.49 16.49
C THR A 191 10.18 0.69 15.13
N TYR A 192 10.28 -0.42 14.38
CA TYR A 192 10.79 -0.40 13.00
C TYR A 192 9.61 -0.38 12.02
N VAL A 193 9.63 0.57 11.10
CA VAL A 193 8.62 0.59 10.04
C VAL A 193 9.26 0.11 8.73
N MET A 194 8.60 -0.85 8.07
CA MET A 194 9.06 -1.34 6.79
CA MET A 194 9.06 -1.30 6.78
C MET A 194 8.26 -0.66 5.68
N LEU A 195 9.00 -0.17 4.68
CA LEU A 195 8.39 0.23 3.42
C LEU A 195 9.15 -0.42 2.27
N GLY A 196 8.60 -0.35 1.08
CA GLY A 196 9.22 -1.11 -0.03
C GLY A 196 10.60 -0.64 -0.44
N GLY A 197 10.83 0.67 -0.47
CA GLY A 197 12.06 1.18 -1.10
C GLY A 197 12.01 0.96 -2.64
N PRO A 198 13.13 1.13 -3.37
CA PRO A 198 14.47 1.35 -2.83
C PRO A 198 14.91 2.79 -2.66
N ASN A 199 14.10 3.77 -3.05
CA ASN A 199 14.52 5.15 -2.79
C ASN A 199 14.45 5.44 -1.28
N PHE A 200 15.30 6.37 -0.83
CA PHE A 200 15.16 6.92 0.50
C PHE A 200 14.04 7.98 0.53
N GLU A 201 13.56 8.28 1.74
CA GLU A 201 12.35 9.07 1.94
C GLU A 201 12.50 10.56 1.68
N THR A 202 11.41 11.18 1.25
CA THR A 202 11.36 12.64 1.24
C THR A 202 11.26 13.14 2.68
N VAL A 203 11.46 14.46 2.85
CA VAL A 203 11.27 15.08 4.16
C VAL A 203 9.83 14.86 4.66
N ALA A 204 8.86 15.06 3.76
CA ALA A 204 7.48 14.91 4.17
C ALA A 204 7.18 13.46 4.63
N GLU A 205 7.78 12.50 3.91
CA GLU A 205 7.63 11.10 4.30
C GLU A 205 8.29 10.80 5.66
N CYS A 206 9.48 11.35 5.88
CA CYS A 206 10.13 11.11 7.17
C CYS A 206 9.31 11.68 8.31
N ARG A 207 8.76 12.87 8.11
CA ARG A 207 7.95 13.45 9.17
C ARG A 207 6.70 12.63 9.47
N LEU A 208 6.02 12.18 8.43
CA LEU A 208 4.83 11.41 8.71
C LEU A 208 5.15 10.05 9.33
N LEU A 209 6.28 9.44 8.93
CA LEU A 209 6.63 8.14 9.53
C LEU A 209 6.96 8.29 11.02
N ARG A 210 7.66 9.38 11.36
CA ARG A 210 7.91 9.59 12.77
C ARG A 210 6.61 9.82 13.53
N ASN A 211 5.69 10.57 12.91
CA ASN A 211 4.38 10.82 13.53
C ASN A 211 3.51 9.56 13.61
N LEU A 212 3.81 8.52 12.83
CA LEU A 212 3.13 7.22 13.00
C LEU A 212 3.63 6.48 14.25
N GLY A 213 4.66 7.00 14.92
CA GLY A 213 5.24 6.32 16.07
C GLY A 213 6.48 5.47 15.74
N ALA A 214 6.98 5.55 14.52
CA ALA A 214 8.15 4.74 14.20
C ALA A 214 9.45 5.40 14.67
N ASP A 215 10.42 4.57 15.06
CA ASP A 215 11.75 5.06 15.47
C ASP A 215 12.80 4.85 14.41
N ALA A 216 12.60 3.85 13.53
CA ALA A 216 13.57 3.53 12.50
C ALA A 216 12.82 3.05 11.27
N VAL A 217 13.37 3.35 10.09
CA VAL A 217 12.71 2.97 8.83
C VAL A 217 13.65 2.13 7.98
N GLY A 218 13.12 1.06 7.41
CA GLY A 218 13.95 0.21 6.57
C GLY A 218 13.13 -0.53 5.53
N MET A 219 13.77 -1.50 4.87
CA MET A 219 13.21 -2.14 3.67
C MET A 219 13.16 -3.66 3.75
N SER A 220 13.25 -4.23 4.96
CA SER A 220 13.27 -5.69 5.10
C SER A 220 12.59 -6.15 6.39
N THR A 221 12.85 -7.39 6.79
CA THR A 221 12.66 -7.92 8.15
C THR A 221 11.24 -8.28 8.53
N VAL A 222 10.35 -7.29 8.41
CA VAL A 222 8.96 -7.50 8.80
C VAL A 222 8.30 -8.75 8.16
N PRO A 223 8.42 -9.01 6.85
N PRO A 223 8.43 -8.96 6.84
CA PRO A 223 7.69 -10.16 6.30
CA PRO A 223 7.89 -10.18 6.21
C PRO A 223 8.25 -11.47 6.85
C PRO A 223 8.40 -11.45 6.90
N GLU A 224 9.55 -11.48 7.16
N GLU A 224 9.70 -11.52 7.13
CA GLU A 224 10.18 -12.65 7.75
CA GLU A 224 10.29 -12.68 7.78
C GLU A 224 9.67 -12.88 9.17
C GLU A 224 9.71 -12.88 9.18
N VAL A 225 9.53 -11.79 9.93
CA VAL A 225 8.95 -11.88 11.27
C VAL A 225 7.51 -12.39 11.24
N ILE A 226 6.72 -11.90 10.29
CA ILE A 226 5.34 -12.38 10.19
C ILE A 226 5.30 -13.89 9.95
N VAL A 227 6.11 -14.36 9.01
CA VAL A 227 6.11 -15.79 8.74
C VAL A 227 6.66 -16.58 9.93
N ALA A 228 7.68 -16.03 10.59
CA ALA A 228 8.26 -16.70 11.74
C ALA A 228 7.22 -16.88 12.83
N ARG A 229 6.49 -15.81 13.12
CA ARG A 229 5.49 -15.89 14.18
C ARG A 229 4.34 -16.83 13.79
N HIS A 230 3.93 -16.77 12.52
CA HIS A 230 2.88 -17.68 12.05
C HIS A 230 3.25 -19.16 12.30
N CYS A 231 4.52 -19.51 12.10
CA CYS A 231 4.94 -20.89 12.33
C CYS A 231 5.51 -21.14 13.72
N GLY A 232 5.39 -20.18 14.64
CA GLY A 232 5.67 -20.48 16.04
C GLY A 232 7.10 -20.22 16.50
N LEU A 233 7.91 -19.58 15.68
CA LEU A 233 9.27 -19.25 16.12
C LEU A 233 9.31 -18.10 17.09
N ARG A 234 10.24 -18.16 18.04
CA ARG A 234 10.60 -17.01 18.87
C ARG A 234 11.40 -16.07 18.01
N VAL A 235 11.20 -14.75 18.14
CA VAL A 235 11.86 -13.78 17.29
C VAL A 235 12.55 -12.69 18.12
N PHE A 236 13.79 -12.36 17.72
CA PHE A 236 14.53 -11.26 18.26
C PHE A 236 15.14 -10.53 17.07
N GLY A 237 15.11 -9.20 17.10
CA GLY A 237 15.67 -8.43 16.01
C GLY A 237 16.30 -7.12 16.41
N PHE A 238 17.18 -6.60 15.59
CA PHE A 238 17.62 -5.23 15.78
C PHE A 238 18.04 -4.57 14.48
N SER A 239 18.10 -3.24 14.54
CA SER A 239 18.49 -2.38 13.43
C SER A 239 19.81 -1.70 13.79
N LEU A 240 20.70 -1.65 12.83
CA LEU A 240 21.84 -0.71 12.92
C LEU A 240 21.36 0.59 12.32
N ILE A 241 21.43 1.67 13.11
CA ILE A 241 21.04 3.00 12.60
C ILE A 241 22.21 3.55 11.77
N THR A 242 22.06 3.63 10.47
CA THR A 242 23.17 3.96 9.59
C THR A 242 23.19 5.44 9.18
N ASN A 243 22.13 6.17 9.51
CA ASN A 243 21.96 7.56 9.10
C ASN A 243 20.78 8.14 9.85
N LYS A 244 20.84 9.44 10.12
CA LYS A 244 19.71 10.17 10.68
C LYS A 244 18.94 10.71 9.49
N VAL A 245 17.68 10.31 9.35
CA VAL A 245 16.93 10.73 8.16
C VAL A 245 16.75 12.25 8.14
N ILE A 246 16.67 12.82 6.95
CA ILE A 246 16.53 14.25 6.79
C ILE A 246 15.10 14.70 7.08
N MET A 247 14.94 15.55 8.10
CA MET A 247 13.66 16.03 8.59
C MET A 247 13.31 17.47 8.25
N ASP A 248 14.20 18.18 7.58
CA ASP A 248 13.82 19.53 7.18
C ASP A 248 14.47 19.93 5.87
N TYR A 249 13.91 20.98 5.28
CA TYR A 249 14.27 21.39 3.95
C TYR A 249 15.57 22.20 3.89
N GLU A 250 15.97 22.69 5.07
CA GLU A 250 17.14 23.55 5.23
C GLU A 250 18.44 22.77 5.34
N SER A 251 18.34 21.49 5.74
CA SER A 251 19.50 20.61 5.84
C SER A 251 20.19 20.37 4.49
N GLN A 252 21.52 20.39 4.52
CA GLN A 252 22.28 20.06 3.33
C GLN A 252 22.61 18.56 3.31
N GLY A 253 22.18 17.86 4.36
CA GLY A 253 22.30 16.41 4.42
C GLY A 253 21.48 15.71 3.34
N LYS A 254 21.91 14.50 2.98
CA LYS A 254 21.21 13.68 2.00
C LYS A 254 21.62 12.23 2.20
N ALA A 255 20.63 11.34 2.40
CA ALA A 255 20.88 9.92 2.63
C ALA A 255 21.59 9.31 1.42
N ASN A 256 22.54 8.43 1.69
CA ASN A 256 23.34 7.83 0.61
C ASN A 256 23.91 6.50 1.05
N HIS A 257 23.98 5.58 0.11
CA HIS A 257 24.40 4.20 0.36
C HIS A 257 25.83 4.13 0.90
N GLU A 258 26.68 5.05 0.43
CA GLU A 258 28.08 5.08 0.87
C GLU A 258 28.19 5.23 2.37
N GLU A 259 27.43 6.17 2.96
CA GLU A 259 27.44 6.38 4.41
C GLU A 259 26.84 5.18 5.13
N VAL A 260 25.84 4.55 4.52
CA VAL A 260 25.24 3.35 5.09
C VAL A 260 26.27 2.21 5.15
N LEU A 261 27.00 2.01 4.06
CA LEU A 261 28.07 0.99 4.00
C LEU A 261 29.16 1.30 5.02
N GLU A 262 29.54 2.57 5.12
CA GLU A 262 30.56 2.98 6.09
C GLU A 262 30.15 2.69 7.53
N ALA A 263 28.89 3.00 7.88
CA ALA A 263 28.38 2.73 9.22
C ALA A 263 28.37 1.23 9.51
N GLY A 264 28.01 0.42 8.51
CA GLY A 264 27.99 -1.04 8.66
C GLY A 264 29.39 -1.55 8.95
N LYS A 265 30.36 -1.02 8.20
CA LYS A 265 31.77 -1.40 8.41
C LYS A 265 32.24 -1.06 9.81
N GLN A 266 31.97 0.15 10.24
CA GLN A 266 32.39 0.59 11.57
C GLN A 266 31.73 -0.22 12.68
N ALA A 267 30.49 -0.68 12.47
CA ALA A 267 29.76 -1.41 13.49
C ALA A 267 29.93 -2.91 13.46
N ALA A 268 30.47 -3.42 12.35
CA ALA A 268 30.50 -4.85 12.10
C ALA A 268 30.98 -5.70 13.28
N GLN A 269 32.12 -5.32 13.85
CA GLN A 269 32.68 -6.07 14.95
C GLN A 269 31.76 -6.09 16.19
N LYS A 270 31.19 -4.93 16.52
CA LYS A 270 30.31 -4.81 17.67
C LYS A 270 29.03 -5.62 17.45
N LEU A 271 28.49 -5.59 16.23
CA LEU A 271 27.28 -6.37 15.93
C LEU A 271 27.53 -7.87 16.05
N GLU A 272 28.65 -8.31 15.48
CA GLU A 272 29.01 -9.73 15.54
C GLU A 272 29.23 -10.18 16.97
N GLN A 273 29.90 -9.35 17.77
CA GLN A 273 30.17 -9.67 19.17
C GLN A 273 28.87 -9.74 19.95
N PHE A 274 27.99 -8.78 19.70
CA PHE A 274 26.70 -8.75 20.37
C PHE A 274 25.89 -10.02 20.07
N VAL A 275 25.75 -10.36 18.79
CA VAL A 275 25.02 -11.59 18.42
C VAL A 275 25.66 -12.85 19.02
N SER A 276 26.98 -12.93 18.96
N SER A 276 26.98 -12.94 18.95
CA SER A 276 27.71 -14.06 19.54
CA SER A 276 27.70 -14.08 19.53
C SER A 276 27.40 -14.19 21.02
C SER A 276 27.44 -14.20 21.02
N LEU A 277 27.53 -13.09 21.76
CA LEU A 277 27.24 -13.10 23.18
C LEU A 277 25.80 -13.48 23.49
N LEU A 278 24.86 -13.03 22.65
CA LEU A 278 23.43 -13.31 22.81
C LEU A 278 23.06 -14.79 22.65
N MET A 279 23.91 -15.54 21.96
CA MET A 279 23.69 -16.99 21.90
C MET A 279 23.49 -17.61 23.27
N ALA A 280 24.27 -17.13 24.26
CA ALA A 280 24.20 -17.68 25.61
C ALA A 280 22.86 -17.43 26.28
N SER A 281 22.11 -16.46 25.78
CA SER A 281 20.81 -16.10 26.35
C SER A 281 19.59 -16.65 25.61
N ILE A 282 19.80 -17.29 24.47
CA ILE A 282 18.69 -17.88 23.73
C ILE A 282 18.27 -19.15 24.47
N PRO A 283 16.99 -19.33 24.77
CA PRO A 283 16.53 -20.51 25.49
C PRO A 283 16.92 -21.80 24.80
N VAL A 284 17.17 -22.83 25.61
CA VAL A 284 17.41 -24.16 25.09
C VAL A 284 16.22 -25.03 25.46
N ASN B 3 10.26 -4.87 -14.05
CA ASN B 3 10.49 -3.98 -15.22
C ASN B 3 10.75 -4.79 -16.49
N GLY B 4 9.88 -4.62 -17.47
CA GLY B 4 9.95 -5.36 -18.72
C GLY B 4 11.00 -4.83 -19.68
N TYR B 5 11.54 -3.63 -19.39
CA TYR B 5 12.52 -2.98 -20.27
C TYR B 5 13.97 -3.19 -19.83
N THR B 6 14.84 -3.50 -20.78
CA THR B 6 16.29 -3.50 -20.54
C THR B 6 16.86 -2.12 -20.87
N TYR B 7 18.10 -1.87 -20.46
CA TYR B 7 18.77 -0.61 -20.77
C TYR B 7 18.78 -0.35 -22.27
N GLU B 8 19.02 -1.42 -23.02
CA GLU B 8 19.07 -1.35 -24.48
C GLU B 8 17.74 -0.91 -25.12
N ASP B 9 16.61 -1.31 -24.55
CA ASP B 9 15.29 -0.85 -25.00
C ASP B 9 15.17 0.67 -24.91
N TYR B 10 15.54 1.24 -23.76
CA TYR B 10 15.49 2.67 -23.58
C TYR B 10 16.41 3.35 -24.59
N GLN B 11 17.63 2.79 -24.69
CA GLN B 11 18.65 3.25 -25.62
C GLN B 11 18.15 3.25 -27.06
N ASP B 12 17.54 2.12 -27.47
CA ASP B 12 17.01 1.99 -28.82
C ASP B 12 15.97 3.06 -29.09
N THR B 13 15.06 3.27 -28.14
CA THR B 13 14.03 4.26 -28.30
C THR B 13 14.64 5.65 -28.45
N ALA B 14 15.59 5.99 -27.59
CA ALA B 14 16.27 7.29 -27.65
C ALA B 14 17.01 7.50 -28.98
N LYS B 15 17.73 6.47 -29.41
N LYS B 15 17.72 6.48 -29.43
CA LYS B 15 18.45 6.44 -30.70
CA LYS B 15 18.47 6.57 -30.69
C LYS B 15 17.49 6.78 -31.81
C LYS B 15 17.52 6.74 -31.88
N TRP B 16 16.40 6.03 -31.85
CA TRP B 16 15.35 6.17 -32.88
C TRP B 16 14.83 7.59 -32.96
N LEU B 17 14.44 8.18 -31.82
CA LEU B 17 14.01 9.58 -31.79
C LEU B 17 15.10 10.53 -32.27
N LEU B 18 16.33 10.32 -31.81
CA LEU B 18 17.47 11.17 -32.20
C LEU B 18 17.77 11.12 -33.71
N SER B 19 17.40 10.02 -34.35
CA SER B 19 17.66 9.87 -35.78
C SER B 19 16.49 10.41 -36.60
N HIS B 20 15.32 10.55 -35.98
CA HIS B 20 14.11 10.98 -36.68
C HIS B 20 13.75 12.45 -36.49
N THR B 21 14.49 13.14 -35.62
CA THR B 21 14.41 14.60 -35.51
C THR B 21 15.81 15.16 -35.29
N GLU B 22 16.02 16.40 -35.75
N GLU B 22 16.01 16.41 -35.73
CA GLU B 22 17.29 17.09 -35.55
CA GLU B 22 17.25 17.12 -35.57
C GLU B 22 17.32 17.87 -34.23
C GLU B 22 17.31 17.91 -34.27
N GLN B 23 16.15 18.04 -33.61
CA GLN B 23 16.05 18.79 -32.35
C GLN B 23 16.71 18.05 -31.22
N ARG B 24 17.33 18.84 -30.34
CA ARG B 24 18.06 18.33 -29.18
C ARG B 24 17.58 19.05 -27.93
N PRO B 25 16.41 18.66 -27.42
CA PRO B 25 15.83 19.33 -26.26
C PRO B 25 16.61 19.06 -24.98
N GLN B 26 16.72 20.09 -24.16
CA GLN B 26 17.28 19.96 -22.82
C GLN B 26 16.20 19.92 -21.73
N VAL B 27 14.96 20.19 -22.14
CA VAL B 27 13.80 20.22 -21.23
C VAL B 27 12.73 19.25 -21.73
N ALA B 28 12.17 18.46 -20.80
CA ALA B 28 10.99 17.65 -21.08
C ALA B 28 9.83 18.18 -20.22
N VAL B 29 8.63 18.16 -20.79
CA VAL B 29 7.42 18.58 -20.07
C VAL B 29 6.40 17.47 -20.20
N ILE B 30 5.93 16.99 -19.04
CA ILE B 30 4.81 16.05 -19.01
C ILE B 30 3.59 16.85 -18.63
N CYS B 31 2.67 16.99 -19.58
CA CYS B 31 1.52 17.90 -19.43
C CYS B 31 0.41 17.20 -18.70
N GLY B 32 0.11 17.66 -17.49
CA GLY B 32 -1.06 17.13 -16.80
C GLY B 32 -2.33 17.87 -17.15
N SER B 33 -3.38 17.60 -16.40
CA SER B 33 -4.68 18.27 -16.64
C SER B 33 -4.55 19.78 -16.68
N GLY B 34 -5.17 20.40 -17.67
CA GLY B 34 -5.04 21.85 -17.84
C GLY B 34 -3.92 22.28 -18.78
N LEU B 35 -2.97 21.39 -19.06
CA LEU B 35 -1.83 21.73 -19.89
C LEU B 35 -1.81 20.97 -21.22
N GLY B 36 -2.88 20.27 -21.55
CA GLY B 36 -2.95 19.51 -22.81
C GLY B 36 -2.71 20.37 -24.05
N GLY B 37 -3.10 21.64 -23.99
CA GLY B 37 -2.95 22.55 -25.12
C GLY B 37 -1.58 23.19 -25.29
N LEU B 38 -0.63 22.89 -24.38
CA LEU B 38 0.67 23.54 -24.40
C LEU B 38 1.47 23.28 -25.68
N VAL B 39 1.26 22.11 -26.28
CA VAL B 39 1.93 21.78 -27.54
C VAL B 39 1.56 22.80 -28.63
N ASN B 40 0.39 23.42 -28.51
CA ASN B 40 -0.07 24.40 -29.51
C ASN B 40 0.75 25.68 -29.53
N LYS B 41 1.48 25.93 -28.45
CA LYS B 41 2.34 27.10 -28.34
C LYS B 41 3.74 26.81 -28.88
N LEU B 42 3.95 25.56 -29.31
CA LEU B 42 5.25 25.16 -29.86
C LEU B 42 5.43 25.61 -31.30
N THR B 43 6.60 26.18 -31.57
CA THR B 43 7.04 26.44 -32.95
C THR B 43 7.97 25.34 -33.41
N GLN B 44 8.10 25.22 -34.74
CA GLN B 44 8.97 24.21 -35.35
C GLN B 44 8.67 22.81 -34.79
N ALA B 45 7.38 22.56 -34.53
CA ALA B 45 6.91 21.32 -33.90
C ALA B 45 6.96 20.11 -34.82
N GLN B 46 7.47 19.00 -34.28
CA GLN B 46 7.41 17.72 -34.96
C GLN B 46 6.77 16.73 -33.99
N THR B 47 5.78 16.01 -34.50
N THR B 47 5.73 16.07 -34.47
CA THR B 47 4.96 15.12 -33.68
CA THR B 47 4.99 15.11 -33.67
C THR B 47 5.16 13.65 -34.02
C THR B 47 5.37 13.67 -34.01
N PHE B 48 5.32 12.83 -32.99
CA PHE B 48 5.43 11.40 -33.13
C PHE B 48 4.29 10.82 -32.30
N ASP B 49 3.40 10.05 -32.93
CA ASP B 49 2.40 9.29 -32.18
C ASP B 49 3.14 8.24 -31.37
N TYR B 50 2.67 7.99 -30.14
CA TYR B 50 3.28 6.95 -29.32
C TYR B 50 3.33 5.62 -30.08
N SER B 51 2.30 5.34 -30.89
CA SER B 51 2.27 4.13 -31.71
C SER B 51 3.42 4.01 -32.73
N GLU B 52 4.07 5.14 -33.04
CA GLU B 52 5.19 5.18 -33.99
C GLU B 52 6.54 4.85 -33.37
N ILE B 53 6.66 5.07 -32.06
CA ILE B 53 7.96 4.99 -31.39
C ILE B 53 8.20 3.59 -30.82
N PRO B 54 9.35 2.98 -31.15
CA PRO B 54 9.69 1.65 -30.62
C PRO B 54 9.61 1.63 -29.09
N ASN B 55 9.01 0.57 -28.56
CA ASN B 55 8.93 0.30 -27.12
C ASN B 55 7.95 1.14 -26.29
N PHE B 56 7.34 2.16 -26.89
CA PHE B 56 6.47 3.07 -26.12
C PHE B 56 5.22 2.33 -25.66
N PRO B 57 4.77 2.55 -24.42
CA PRO B 57 3.47 2.00 -24.00
C PRO B 57 2.33 2.50 -24.89
N GLY B 66 -2.02 9.21 -27.58
CA GLY B 66 -1.06 10.19 -27.10
C GLY B 66 0.06 10.42 -28.10
N ARG B 67 0.78 11.51 -27.92
CA ARG B 67 1.88 11.87 -28.82
C ARG B 67 3.01 12.61 -28.12
N LEU B 68 4.21 12.41 -28.65
CA LEU B 68 5.40 13.09 -28.22
C LEU B 68 5.68 14.21 -29.22
N VAL B 69 5.82 15.43 -28.73
CA VAL B 69 6.00 16.60 -29.59
C VAL B 69 7.33 17.28 -29.28
N PHE B 70 8.20 17.36 -30.28
CA PHE B 70 9.40 18.11 -30.14
C PHE B 70 9.12 19.45 -30.77
N GLY B 71 9.46 20.52 -30.07
CA GLY B 71 9.27 21.83 -30.64
C GLY B 71 9.88 22.83 -29.73
N ILE B 72 9.65 24.10 -30.03
CA ILE B 72 10.31 25.15 -29.33
C ILE B 72 9.28 25.95 -28.54
N LEU B 73 9.55 26.12 -27.25
CA LEU B 73 8.66 26.85 -26.33
C LEU B 73 9.39 28.02 -25.76
N ASN B 74 8.93 29.23 -26.13
CA ASN B 74 9.56 30.46 -25.70
C ASN B 74 11.05 30.41 -26.03
N GLY B 75 11.36 29.99 -27.25
CA GLY B 75 12.73 29.85 -27.71
C GLY B 75 13.50 28.61 -27.26
N ARG B 76 12.95 27.87 -26.29
N ARG B 76 12.95 27.87 -26.29
CA ARG B 76 13.65 26.74 -25.67
CA ARG B 76 13.63 26.73 -25.72
C ARG B 76 13.19 25.37 -26.20
C ARG B 76 13.17 25.41 -26.34
N ALA B 77 14.13 24.59 -26.74
CA ALA B 77 13.83 23.28 -27.30
C ALA B 77 13.30 22.37 -26.21
N CYS B 78 12.12 21.81 -26.46
N CYS B 78 12.14 21.80 -26.44
CA CYS B 78 11.44 20.94 -25.51
CA CYS B 78 11.56 20.90 -25.46
C CYS B 78 11.01 19.65 -26.18
C CYS B 78 10.96 19.68 -26.15
N VAL B 79 10.82 18.61 -25.37
CA VAL B 79 10.05 17.47 -25.80
C VAL B 79 8.88 17.40 -24.82
N MET B 80 7.69 17.21 -25.34
N MET B 80 7.68 17.23 -25.37
CA MET B 80 6.49 17.27 -24.51
CA MET B 80 6.46 17.24 -24.58
C MET B 80 5.61 16.05 -24.73
C MET B 80 5.69 15.95 -24.75
N MET B 81 5.17 15.45 -23.63
CA MET B 81 4.15 14.39 -23.66
C MET B 81 2.78 15.03 -23.57
N GLN B 82 1.99 14.82 -24.60
CA GLN B 82 0.59 15.19 -24.63
C GLN B 82 -0.16 13.88 -24.41
N GLY B 83 -0.57 13.69 -23.14
CA GLY B 83 -1.05 12.42 -22.64
C GLY B 83 0.04 11.74 -21.80
N ARG B 84 -0.20 11.61 -20.49
CA ARG B 84 0.62 10.73 -19.65
C ARG B 84 -0.13 9.43 -19.33
N PHE B 85 0.58 8.51 -18.69
CA PHE B 85 0.03 7.19 -18.31
C PHE B 85 -0.25 7.19 -16.81
N HIS B 86 -1.29 6.47 -16.43
CA HIS B 86 -1.73 6.47 -15.02
C HIS B 86 -1.87 5.08 -14.44
N MET B 87 -1.45 4.92 -13.18
CA MET B 87 -1.69 3.68 -12.46
C MET B 87 -3.18 3.30 -12.53
N TYR B 88 -4.08 4.27 -12.34
CA TYR B 88 -5.51 3.89 -12.27
C TYR B 88 -6.04 3.32 -13.58
N GLU B 89 -5.36 3.57 -14.70
N GLU B 89 -5.32 3.56 -14.68
CA GLU B 89 -5.78 2.98 -15.99
CA GLU B 89 -5.67 3.06 -16.00
C GLU B 89 -5.15 1.61 -16.22
C GLU B 89 -5.31 1.58 -16.13
N GLY B 90 -4.43 1.11 -15.24
CA GLY B 90 -3.90 -0.26 -15.27
C GLY B 90 -2.46 -0.36 -15.74
N TYR B 91 -1.77 0.76 -15.94
CA TYR B 91 -0.35 0.71 -16.30
C TYR B 91 0.51 0.42 -15.07
N PRO B 92 1.48 -0.50 -15.16
CA PRO B 92 2.49 -0.63 -14.10
C PRO B 92 3.44 0.56 -14.17
N PHE B 93 4.08 0.91 -13.05
CA PHE B 93 4.92 2.12 -13.02
C PHE B 93 6.11 2.03 -13.97
N TRP B 94 6.58 0.82 -14.30
CA TRP B 94 7.68 0.69 -15.26
C TRP B 94 7.23 1.08 -16.68
N LYS B 95 5.93 1.02 -16.97
CA LYS B 95 5.44 1.60 -18.23
C LYS B 95 5.18 3.09 -18.08
N VAL B 96 4.59 3.49 -16.94
CA VAL B 96 4.31 4.90 -16.71
C VAL B 96 5.55 5.77 -16.87
N THR B 97 6.69 5.28 -16.37
CA THR B 97 7.91 6.09 -16.31
C THR B 97 8.88 5.85 -17.44
N PHE B 98 8.55 4.94 -18.35
CA PHE B 98 9.41 4.64 -19.49
C PHE B 98 9.91 5.91 -20.22
N PRO B 99 9.02 6.87 -20.55
CA PRO B 99 9.48 8.07 -21.26
C PRO B 99 10.54 8.87 -20.53
N VAL B 100 10.54 8.86 -19.19
CA VAL B 100 11.46 9.69 -18.44
C VAL B 100 12.91 9.28 -18.69
N ARG B 101 13.14 7.97 -18.68
CA ARG B 101 14.47 7.45 -18.96
C ARG B 101 14.85 7.69 -20.39
N VAL B 102 13.90 7.56 -21.31
CA VAL B 102 14.19 7.92 -22.69
C VAL B 102 14.66 9.38 -22.77
N PHE B 103 13.97 10.30 -22.08
CA PHE B 103 14.32 11.73 -22.12
C PHE B 103 15.75 11.96 -21.68
N ARG B 104 16.17 11.24 -20.64
CA ARG B 104 17.53 11.37 -20.13
C ARG B 104 18.51 10.97 -21.22
N LEU B 105 18.23 9.85 -21.88
CA LEU B 105 19.12 9.38 -22.96
C LEU B 105 19.06 10.26 -24.22
N LEU B 106 18.02 11.08 -24.36
CA LEU B 106 17.94 12.10 -25.42
C LEU B 106 18.84 13.28 -25.17
N GLY B 107 19.22 13.49 -23.91
CA GLY B 107 19.99 14.66 -23.51
C GLY B 107 19.23 15.68 -22.67
N VAL B 108 18.00 15.34 -22.28
CA VAL B 108 17.24 16.21 -21.38
C VAL B 108 17.93 16.31 -20.02
N GLU B 109 17.92 17.51 -19.46
CA GLU B 109 18.50 17.78 -18.13
C GLU B 109 17.46 18.20 -17.08
N THR B 110 16.30 18.66 -17.55
CA THR B 110 15.27 19.16 -16.63
C THR B 110 13.92 18.61 -17.05
N LEU B 111 13.17 18.10 -16.05
CA LEU B 111 11.81 17.60 -16.26
C LEU B 111 10.83 18.53 -15.58
N VAL B 112 9.84 19.00 -16.35
CA VAL B 112 8.73 19.76 -15.80
C VAL B 112 7.52 18.85 -15.81
N VAL B 113 6.90 18.70 -14.63
N VAL B 113 6.84 18.72 -14.67
CA VAL B 113 5.70 17.88 -14.50
CA VAL B 113 5.73 17.78 -14.61
C VAL B 113 4.56 18.71 -13.99
C VAL B 113 4.56 18.44 -13.88
N THR B 114 3.36 18.40 -14.48
CA THR B 114 2.20 19.05 -13.89
C THR B 114 1.05 18.08 -13.72
N ASN B 115 0.07 18.48 -12.93
CA ASN B 115 -1.10 17.63 -12.67
C ASN B 115 -2.26 18.46 -12.19
N ALA B 116 -3.45 17.86 -12.10
CA ALA B 116 -4.54 18.39 -11.32
C ALA B 116 -4.57 17.69 -9.97
N ALA B 117 -5.08 18.38 -8.95
CA ALA B 117 -5.11 17.79 -7.62
C ALA B 117 -6.24 18.38 -6.83
N GLY B 118 -6.72 17.60 -5.87
CA GLY B 118 -7.65 18.13 -4.88
C GLY B 118 -6.93 18.87 -3.76
N GLY B 119 -7.52 19.99 -3.30
CA GLY B 119 -6.90 20.78 -2.24
C GLY B 119 -7.25 20.18 -0.88
N LEU B 120 -6.22 19.68 -0.21
CA LEU B 120 -6.34 19.27 1.21
C LEU B 120 -6.12 20.46 2.15
N ASN B 121 -5.21 21.34 1.78
CA ASN B 121 -4.91 22.54 2.58
C ASN B 121 -6.14 23.44 2.50
N PRO B 122 -6.82 23.77 3.62
CA PRO B 122 -8.05 24.56 3.54
C PRO B 122 -7.80 26.02 3.10
N ASN B 123 -6.55 26.46 3.09
CA ASN B 123 -6.17 27.79 2.58
C ASN B 123 -6.15 27.91 1.05
N PHE B 124 -6.28 26.79 0.36
CA PHE B 124 -6.24 26.82 -1.09
C PHE B 124 -7.65 27.09 -1.62
N GLU B 125 -7.69 27.58 -2.86
CA GLU B 125 -8.94 27.82 -3.56
C GLU B 125 -8.88 27.16 -4.93
N VAL B 126 -10.04 26.86 -5.51
CA VAL B 126 -10.09 26.31 -6.86
C VAL B 126 -9.41 27.29 -7.82
N GLY B 127 -8.57 26.77 -8.69
CA GLY B 127 -7.83 27.62 -9.60
C GLY B 127 -6.43 27.98 -9.16
N ASP B 128 -6.11 27.64 -7.90
CA ASP B 128 -4.76 27.89 -7.41
C ASP B 128 -3.76 27.02 -8.13
N ILE B 129 -2.54 27.52 -8.26
CA ILE B 129 -1.41 26.73 -8.73
C ILE B 129 -0.55 26.47 -7.50
N MET B 130 -0.28 25.20 -7.22
CA MET B 130 0.60 24.86 -6.11
C MET B 130 1.91 24.30 -6.63
N LEU B 131 3.01 25.02 -6.44
CA LEU B 131 4.32 24.48 -6.72
C LEU B 131 4.54 23.26 -5.83
N ILE B 132 5.10 22.21 -6.41
CA ILE B 132 5.39 21.02 -5.60
C ILE B 132 6.74 21.22 -4.94
N ARG B 133 6.72 21.40 -3.63
CA ARG B 133 7.97 21.43 -2.86
C ARG B 133 8.43 20.04 -2.43
N ASP B 134 7.45 19.12 -2.32
CA ASP B 134 7.76 17.79 -1.81
C ASP B 134 6.60 16.89 -2.15
N HIS B 135 6.83 15.58 -2.00
CA HIS B 135 5.72 14.63 -2.17
C HIS B 135 5.71 13.55 -1.10
N ILE B 136 4.60 12.83 -1.08
CA ILE B 136 4.42 11.63 -0.26
C ILE B 136 3.96 10.55 -1.24
N ASN B 137 4.72 9.47 -1.31
CA ASN B 137 4.44 8.41 -2.27
C ASN B 137 3.76 7.22 -1.58
N LEU B 138 2.43 7.25 -1.48
CA LEU B 138 1.76 6.15 -0.77
C LEU B 138 1.92 4.80 -1.47
N PRO B 139 1.76 4.70 -2.80
CA PRO B 139 2.03 3.39 -3.41
C PRO B 139 3.43 2.87 -3.10
N GLY B 140 4.41 3.78 -3.01
CA GLY B 140 5.79 3.37 -2.67
C GLY B 140 5.88 2.76 -1.27
N PHE B 141 5.00 3.15 -0.36
CA PHE B 141 5.07 2.54 0.98
C PHE B 141 4.83 1.02 0.89
N SER B 142 4.00 0.58 -0.06
N SER B 142 4.02 0.61 -0.08
CA SER B 142 3.72 -0.85 -0.26
CA SER B 142 3.69 -0.80 -0.29
C SER B 142 4.57 -1.53 -1.32
C SER B 142 4.64 -1.55 -1.21
N GLY B 143 5.59 -0.81 -1.77
CA GLY B 143 6.54 -1.35 -2.74
C GLY B 143 6.19 -1.21 -4.19
N GLU B 144 5.09 -0.54 -4.49
N GLU B 144 5.07 -0.57 -4.47
CA GLU B 144 4.68 -0.22 -5.87
CA GLU B 144 4.72 -0.20 -5.83
C GLU B 144 5.50 0.98 -6.36
C GLU B 144 5.61 0.96 -6.18
N ASN B 145 6.65 0.68 -6.97
CA ASN B 145 7.69 1.68 -7.22
C ASN B 145 8.27 1.40 -8.60
N PRO B 146 8.49 2.44 -9.43
CA PRO B 146 9.06 2.21 -10.75
C PRO B 146 10.50 1.69 -10.68
N LEU B 147 11.16 1.82 -9.54
CA LEU B 147 12.53 1.31 -9.41
C LEU B 147 12.61 -0.12 -8.88
N ARG B 148 11.48 -0.71 -8.54
CA ARG B 148 11.50 -2.08 -8.04
C ARG B 148 12.08 -3.00 -9.10
N GLY B 149 12.91 -3.93 -8.66
CA GLY B 149 13.62 -4.84 -9.58
C GLY B 149 15.12 -4.55 -9.56
N PRO B 150 15.91 -5.34 -10.29
N PRO B 150 15.90 -5.25 -10.38
CA PRO B 150 17.34 -5.05 -10.46
CA PRO B 150 17.34 -5.03 -10.41
C PRO B 150 17.62 -3.59 -10.80
C PRO B 150 17.64 -3.60 -10.82
N ASN B 151 18.66 -3.02 -10.19
CA ASN B 151 19.06 -1.64 -10.47
C ASN B 151 19.91 -1.56 -11.71
N GLU B 152 19.65 -0.57 -12.55
CA GLU B 152 20.49 -0.30 -13.72
C GLU B 152 21.42 0.86 -13.40
N GLU B 153 22.69 0.55 -13.11
CA GLU B 153 23.69 1.52 -12.67
C GLU B 153 24.00 2.56 -13.74
N ARG B 154 23.71 2.22 -14.99
CA ARG B 154 23.89 3.18 -16.07
C ARG B 154 22.88 4.33 -16.01
N PHE B 155 21.75 4.12 -15.32
CA PHE B 155 20.86 5.24 -14.99
C PHE B 155 21.18 5.90 -13.65
N GLY B 156 21.33 5.09 -12.61
CA GLY B 156 21.55 5.67 -11.29
C GLY B 156 21.81 4.63 -10.23
N VAL B 157 21.79 5.07 -8.97
CA VAL B 157 22.22 4.22 -7.85
C VAL B 157 21.07 3.34 -7.35
N ARG B 158 21.41 2.30 -6.58
CA ARG B 158 20.42 1.36 -6.08
C ARG B 158 19.39 2.05 -5.15
N PHE B 159 19.88 2.93 -4.29
CA PHE B 159 19.07 3.60 -3.25
C PHE B 159 19.12 5.12 -3.44
N PRO B 160 18.42 5.66 -4.45
CA PRO B 160 18.50 7.12 -4.67
C PRO B 160 17.76 7.92 -3.61
N ALA B 161 18.29 9.08 -3.23
CA ALA B 161 17.66 9.95 -2.27
C ALA B 161 16.58 10.79 -2.94
N MET B 162 15.50 11.05 -2.20
CA MET B 162 14.40 11.88 -2.68
C MET B 162 14.21 13.17 -1.92
N SER B 163 15.05 13.42 -0.90
CA SER B 163 14.84 14.56 -0.01
C SER B 163 15.07 15.92 -0.69
N ASP B 164 15.78 15.93 -1.80
CA ASP B 164 16.00 17.17 -2.57
C ASP B 164 15.40 17.08 -3.96
N ALA B 165 14.27 16.39 -4.10
CA ALA B 165 13.75 16.10 -5.43
C ALA B 165 13.32 17.32 -6.24
N TYR B 166 12.68 18.28 -5.58
CA TYR B 166 12.09 19.42 -6.28
C TYR B 166 13.03 20.61 -6.18
N ASP B 167 13.72 20.84 -7.28
CA ASP B 167 14.76 21.86 -7.35
C ASP B 167 14.40 23.18 -6.66
N ARG B 168 15.25 23.59 -5.72
CA ARG B 168 14.98 24.79 -4.95
C ARG B 168 15.05 26.06 -5.81
N ASP B 169 16.08 26.15 -6.67
CA ASP B 169 16.25 27.34 -7.51
C ASP B 169 15.03 27.60 -8.40
N MET B 170 14.57 26.54 -9.08
N MET B 170 14.56 26.56 -9.07
CA MET B 170 13.42 26.63 -9.99
CA MET B 170 13.42 26.71 -9.99
C MET B 170 12.17 27.12 -9.27
C MET B 170 12.13 27.11 -9.28
N ARG B 171 11.98 26.66 -8.04
CA ARG B 171 10.83 27.11 -7.25
C ARG B 171 10.92 28.61 -6.92
N GLN B 172 12.13 29.08 -6.60
CA GLN B 172 12.34 30.49 -6.31
C GLN B 172 12.10 31.33 -7.57
N LYS B 173 12.59 30.85 -8.69
CA LYS B 173 12.37 31.53 -9.96
C LYS B 173 10.90 31.50 -10.37
N ALA B 174 10.19 30.43 -10.04
CA ALA B 174 8.77 30.38 -10.36
C ALA B 174 8.01 31.45 -9.58
N HIS B 175 8.37 31.65 -8.32
CA HIS B 175 7.76 32.72 -7.53
C HIS B 175 8.00 34.10 -8.13
N SER B 176 9.24 34.34 -8.57
CA SER B 176 9.62 35.62 -9.19
C SER B 176 8.82 35.85 -10.47
N THR B 177 8.74 34.82 -11.31
CA THR B 177 8.00 34.85 -12.55
C THR B 177 6.52 35.20 -12.33
N TRP B 178 5.92 34.58 -11.32
CA TRP B 178 4.52 34.78 -11.02
C TRP B 178 4.27 36.23 -10.61
N LYS B 179 5.18 36.77 -9.80
CA LYS B 179 5.10 38.15 -9.32
C LYS B 179 5.26 39.13 -10.48
N GLN B 180 6.10 38.78 -11.46
CA GLN B 180 6.29 39.66 -12.61
C GLN B 180 5.10 39.57 -13.57
N MET B 181 4.39 38.44 -13.56
CA MET B 181 3.13 38.31 -14.29
C MET B 181 2.04 39.21 -13.73
N GLY B 182 2.22 39.67 -12.50
CA GLY B 182 1.22 40.51 -11.82
C GLY B 182 -0.09 39.85 -11.42
N GLU B 183 -0.08 38.53 -11.24
CA GLU B 183 -1.26 37.82 -10.76
C GLU B 183 -1.59 38.23 -9.32
N GLN B 184 -2.86 38.46 -9.05
CA GLN B 184 -3.30 38.91 -7.72
C GLN B 184 -3.45 37.76 -6.74
N ARG B 185 -3.84 36.58 -7.22
CA ARG B 185 -3.84 35.39 -6.37
C ARG B 185 -2.42 34.91 -6.22
N GLU B 186 -2.01 34.69 -4.97
CA GLU B 186 -0.67 34.21 -4.70
C GLU B 186 -0.46 32.76 -5.21
N LEU B 187 0.79 32.46 -5.48
CA LEU B 187 1.21 31.13 -5.90
C LEU B 187 1.32 30.30 -4.63
N GLN B 188 0.68 29.14 -4.62
CA GLN B 188 0.82 28.23 -3.48
C GLN B 188 2.05 27.35 -3.64
N GLU B 189 2.43 26.69 -2.54
CA GLU B 189 3.58 25.80 -2.54
C GLU B 189 3.42 24.78 -1.43
N GLY B 190 3.62 23.49 -1.74
CA GLY B 190 3.38 22.49 -0.68
C GLY B 190 3.64 21.07 -1.16
N THR B 191 3.10 20.15 -0.39
CA THR B 191 3.38 18.73 -0.53
C THR B 191 2.21 18.05 -1.27
N TYR B 192 2.56 17.32 -2.32
CA TYR B 192 1.56 16.57 -3.10
C TYR B 192 1.66 15.11 -2.65
N VAL B 193 0.51 14.54 -2.31
CA VAL B 193 0.44 13.10 -1.99
C VAL B 193 -0.21 12.34 -3.16
N MET B 194 0.50 11.30 -3.64
CA MET B 194 -0.02 10.44 -4.67
CA MET B 194 -0.08 10.46 -4.66
C MET B 194 -0.70 9.23 -4.03
N LEU B 195 -1.93 8.96 -4.47
CA LEU B 195 -2.54 7.67 -4.23
C LEU B 195 -3.05 7.10 -5.56
N GLY B 196 -3.49 5.84 -5.55
CA GLY B 196 -3.78 5.20 -6.83
C GLY B 196 -5.03 5.71 -7.53
N GLY B 197 -6.09 6.05 -6.80
CA GLY B 197 -7.38 6.32 -7.43
C GLY B 197 -7.96 5.04 -8.04
N PRO B 198 -9.00 5.17 -8.87
CA PRO B 198 -9.53 6.41 -9.42
C PRO B 198 -10.68 7.04 -8.65
N ASN B 199 -11.17 6.42 -7.59
CA ASN B 199 -12.20 7.11 -6.83
C ASN B 199 -11.62 8.32 -6.10
N PHE B 200 -12.49 9.30 -5.85
CA PHE B 200 -12.14 10.40 -4.95
C PHE B 200 -12.32 9.97 -3.49
N GLU B 201 -11.68 10.71 -2.59
CA GLU B 201 -11.54 10.26 -1.18
C GLU B 201 -12.79 10.41 -0.34
N THR B 202 -12.89 9.55 0.66
CA THR B 202 -13.86 9.78 1.72
C THR B 202 -13.42 10.97 2.60
N VAL B 203 -14.34 11.46 3.41
CA VAL B 203 -14.02 12.49 4.39
C VAL B 203 -12.93 12.03 5.36
N ALA B 204 -13.04 10.78 5.84
CA ALA B 204 -12.04 10.25 6.76
C ALA B 204 -10.67 10.19 6.09
N GLU B 205 -10.65 9.80 4.80
CA GLU B 205 -9.36 9.76 4.10
C GLU B 205 -8.79 11.18 3.90
N CYS B 206 -9.67 12.14 3.57
CA CYS B 206 -9.18 13.51 3.42
C CYS B 206 -8.58 14.03 4.71
N ARG B 207 -9.24 13.76 5.82
CA ARG B 207 -8.73 14.24 7.09
C ARG B 207 -7.38 13.59 7.40
N LEU B 208 -7.26 12.28 7.18
CA LEU B 208 -5.99 11.68 7.52
C LEU B 208 -4.86 12.14 6.59
N LEU B 209 -5.16 12.35 5.30
CA LEU B 209 -4.11 12.79 4.36
C LEU B 209 -3.63 14.19 4.73
N ARG B 210 -4.56 15.07 5.09
CA ARG B 210 -4.15 16.40 5.60
C ARG B 210 -3.26 16.26 6.86
N ASN B 211 -3.63 15.34 7.75
CA ASN B 211 -2.82 15.11 8.96
C ASN B 211 -1.48 14.42 8.70
N LEU B 212 -1.32 13.82 7.53
CA LEU B 212 0.01 13.36 7.13
C LEU B 212 0.91 14.52 6.71
N GLY B 213 0.36 15.74 6.61
CA GLY B 213 1.09 16.91 6.14
C GLY B 213 0.96 17.21 4.66
N ALA B 214 0.04 16.53 3.97
CA ALA B 214 -0.13 16.81 2.54
C ALA B 214 -1.00 18.05 2.32
N ASP B 215 -0.69 18.79 1.24
CA ASP B 215 -1.48 19.97 0.86
C ASP B 215 -2.39 19.71 -0.33
N ALA B 216 -2.00 18.76 -1.19
CA ALA B 216 -2.80 18.47 -2.40
C ALA B 216 -2.74 16.95 -2.62
N VAL B 217 -3.82 16.40 -3.16
CA VAL B 217 -3.89 14.94 -3.41
C VAL B 217 -4.21 14.68 -4.89
N GLY B 218 -3.47 13.74 -5.48
CA GLY B 218 -3.70 13.40 -6.87
C GLY B 218 -3.31 11.97 -7.15
N MET B 219 -3.24 11.67 -8.45
CA MET B 219 -3.18 10.27 -8.93
C MET B 219 -2.02 10.05 -9.89
N SER B 220 -1.04 10.93 -9.92
CA SER B 220 0.04 10.84 -10.91
C SER B 220 1.35 11.41 -10.37
N THR B 221 2.29 11.64 -11.30
CA THR B 221 3.47 12.50 -11.13
C THR B 221 4.60 11.93 -10.33
N VAL B 222 4.32 11.46 -9.11
CA VAL B 222 5.35 10.98 -8.22
C VAL B 222 6.24 9.89 -8.84
N PRO B 223 5.69 8.88 -9.53
N PRO B 223 5.70 8.87 -9.52
CA PRO B 223 6.55 7.90 -10.18
CA PRO B 223 6.58 7.83 -10.03
C PRO B 223 7.52 8.56 -11.17
C PRO B 223 7.52 8.40 -11.10
N GLU B 224 7.03 9.48 -11.98
N GLU B 224 7.07 9.39 -11.87
CA GLU B 224 7.89 10.16 -12.95
CA GLU B 224 7.92 10.04 -12.87
C GLU B 224 9.02 10.89 -12.25
C GLU B 224 9.04 10.79 -12.20
N VAL B 225 8.72 11.49 -11.11
CA VAL B 225 9.74 12.25 -10.35
C VAL B 225 10.79 11.32 -9.75
N ILE B 226 10.37 10.17 -9.22
CA ILE B 226 11.34 9.23 -8.64
C ILE B 226 12.32 8.76 -9.73
N VAL B 227 11.79 8.41 -10.90
CA VAL B 227 12.67 7.94 -11.98
C VAL B 227 13.54 9.07 -12.48
N ALA B 228 12.99 10.28 -12.56
CA ALA B 228 13.76 11.44 -12.98
C ALA B 228 14.94 11.66 -12.04
N ARG B 229 14.71 11.63 -10.74
CA ARG B 229 15.80 11.88 -9.79
C ARG B 229 16.81 10.76 -9.82
N HIS B 230 16.34 9.52 -9.97
CA HIS B 230 17.23 8.38 -10.05
C HIS B 230 18.23 8.56 -11.21
N CYS B 231 17.77 9.13 -12.33
CA CYS B 231 18.69 9.33 -13.48
C CYS B 231 19.30 10.72 -13.56
N GLY B 232 19.15 11.50 -12.50
CA GLY B 232 19.87 12.77 -12.36
C GLY B 232 19.24 14.00 -12.96
N LEU B 233 17.98 13.92 -13.37
CA LEU B 233 17.29 15.07 -13.93
C LEU B 233 16.93 16.05 -12.83
N ARG B 234 17.00 17.34 -13.14
CA ARG B 234 16.43 18.41 -12.33
C ARG B 234 14.90 18.34 -12.53
N VAL B 235 14.15 18.58 -11.46
CA VAL B 235 12.68 18.42 -11.49
C VAL B 235 12.00 19.67 -10.96
N PHE B 236 11.00 20.12 -11.71
CA PHE B 236 10.11 21.16 -11.26
C PHE B 236 8.67 20.72 -11.56
N GLY B 237 7.76 20.97 -10.62
CA GLY B 237 6.37 20.59 -10.85
C GLY B 237 5.36 21.48 -10.20
N PHE B 238 4.14 21.41 -10.70
CA PHE B 238 3.03 22.04 -10.00
C PHE B 238 1.70 21.33 -10.17
N SER B 239 0.78 21.61 -9.25
CA SER B 239 -0.58 21.12 -9.31
C SER B 239 -1.52 22.27 -9.57
N LEU B 240 -2.51 22.08 -10.43
CA LEU B 240 -3.68 22.93 -10.48
C LEU B 240 -4.69 22.40 -9.48
N ILE B 241 -5.09 23.23 -8.52
CA ILE B 241 -6.08 22.83 -7.53
C ILE B 241 -7.44 22.96 -8.16
N THR B 242 -8.10 21.83 -8.46
CA THR B 242 -9.34 21.84 -9.23
C THR B 242 -10.58 21.80 -8.35
N ASN B 243 -10.42 21.50 -7.07
CA ASN B 243 -11.53 21.33 -6.17
C ASN B 243 -10.98 21.33 -4.76
N LYS B 244 -11.78 21.81 -3.80
CA LYS B 244 -11.44 21.71 -2.36
C LYS B 244 -12.05 20.41 -1.88
N VAL B 245 -11.22 19.49 -1.41
CA VAL B 245 -11.76 18.21 -0.98
C VAL B 245 -12.78 18.36 0.13
N ILE B 246 -13.76 17.46 0.15
CA ILE B 246 -14.78 17.47 1.20
C ILE B 246 -14.21 16.96 2.53
N MET B 247 -14.24 17.82 3.56
CA MET B 247 -13.61 17.55 4.86
C MET B 247 -14.63 17.32 5.98
N ASP B 248 -15.91 17.42 5.67
CA ASP B 248 -16.86 17.12 6.72
C ASP B 248 -18.14 16.55 6.19
N TYR B 249 -18.92 15.97 7.10
CA TYR B 249 -20.07 15.20 6.73
C TYR B 249 -21.31 16.07 6.51
N GLU B 250 -21.23 17.32 6.92
CA GLU B 250 -22.34 18.27 6.80
C GLU B 250 -22.38 18.96 5.43
N SER B 251 -21.22 19.08 4.78
CA SER B 251 -21.11 19.67 3.44
C SER B 251 -21.97 18.95 2.39
N GLN B 252 -22.62 19.72 1.52
CA GLN B 252 -23.37 19.15 0.39
C GLN B 252 -22.50 19.05 -0.87
N GLY B 253 -21.23 19.41 -0.75
CA GLY B 253 -20.30 19.27 -1.88
C GLY B 253 -19.96 17.82 -2.16
N LYS B 254 -19.45 17.55 -3.34
CA LYS B 254 -19.09 16.20 -3.77
C LYS B 254 -18.15 16.33 -4.97
N ALA B 255 -16.93 15.80 -4.86
CA ALA B 255 -15.96 15.87 -5.96
C ALA B 255 -16.52 15.20 -7.18
N ASN B 256 -16.27 15.82 -8.34
CA ASN B 256 -16.78 15.30 -9.60
C ASN B 256 -15.89 15.70 -10.75
N HIS B 257 -15.74 14.81 -11.72
CA HIS B 257 -14.88 15.04 -12.85
C HIS B 257 -15.30 16.26 -13.68
N GLU B 258 -16.60 16.51 -13.77
CA GLU B 258 -17.11 17.64 -14.55
C GLU B 258 -16.50 18.94 -14.06
N GLU B 259 -16.45 19.13 -12.75
N GLU B 259 -16.50 19.14 -12.74
CA GLU B 259 -15.90 20.36 -12.21
CA GLU B 259 -15.88 20.31 -12.08
C GLU B 259 -14.37 20.39 -12.23
C GLU B 259 -14.39 20.36 -12.38
N VAL B 260 -13.71 19.23 -12.22
CA VAL B 260 -12.27 19.17 -12.44
C VAL B 260 -11.92 19.56 -13.88
N LEU B 261 -12.63 18.98 -14.85
CA LEU B 261 -12.45 19.36 -16.24
C LEU B 261 -12.68 20.83 -16.49
N GLU B 262 -13.75 21.37 -15.91
CA GLU B 262 -14.08 22.78 -16.08
C GLU B 262 -12.98 23.65 -15.51
N ALA B 263 -12.48 23.29 -14.32
CA ALA B 263 -11.41 24.07 -13.71
C ALA B 263 -10.16 24.06 -14.59
N GLY B 264 -9.82 22.91 -15.19
CA GLY B 264 -8.67 22.83 -16.09
C GLY B 264 -8.86 23.68 -17.34
N LYS B 265 -10.07 23.65 -17.88
CA LYS B 265 -10.39 24.44 -19.06
C LYS B 265 -10.23 25.94 -18.77
N GLN B 266 -10.74 26.38 -17.63
CA GLN B 266 -10.63 27.79 -17.23
C GLN B 266 -9.19 28.22 -17.00
N ALA B 267 -8.37 27.32 -16.43
CA ALA B 267 -7.01 27.63 -16.09
C ALA B 267 -6.01 27.50 -17.23
N ALA B 268 -6.40 26.84 -18.31
CA ALA B 268 -5.44 26.41 -19.33
C ALA B 268 -4.59 27.55 -19.89
N GLN B 269 -5.24 28.65 -20.26
CA GLN B 269 -4.49 29.70 -20.92
C GLN B 269 -3.40 30.25 -19.99
N LYS B 270 -3.72 30.40 -18.70
CA LYS B 270 -2.75 30.88 -17.70
C LYS B 270 -1.65 29.86 -17.39
N LEU B 271 -2.02 28.58 -17.31
CA LEU B 271 -1.03 27.55 -17.02
C LEU B 271 0.00 27.50 -18.14
N GLU B 272 -0.49 27.62 -19.39
CA GLU B 272 0.38 27.55 -20.55
C GLU B 272 1.28 28.76 -20.55
N GLN B 273 0.72 29.93 -20.23
CA GLN B 273 1.51 31.14 -20.14
C GLN B 273 2.61 30.99 -19.10
N PHE B 274 2.25 30.48 -17.92
CA PHE B 274 3.21 30.34 -16.82
C PHE B 274 4.38 29.40 -17.20
N VAL B 275 4.08 28.22 -17.75
CA VAL B 275 5.13 27.29 -18.17
C VAL B 275 6.02 27.91 -19.23
N SER B 276 5.39 28.57 -20.21
CA SER B 276 6.13 29.23 -21.28
C SER B 276 7.12 30.24 -20.71
N LEU B 277 6.68 31.06 -19.77
CA LEU B 277 7.58 32.06 -19.20
C LEU B 277 8.66 31.45 -18.32
N LEU B 278 8.35 30.32 -17.70
CA LEU B 278 9.30 29.65 -16.82
C LEU B 278 10.51 29.09 -17.56
N MET B 279 10.35 28.80 -18.85
CA MET B 279 11.46 28.32 -19.70
C MET B 279 12.71 29.19 -19.56
N ALA B 280 12.50 30.50 -19.47
CA ALA B 280 13.58 31.48 -19.30
C ALA B 280 14.40 31.23 -18.03
N SER B 281 13.77 30.65 -17.00
CA SER B 281 14.42 30.38 -15.73
C SER B 281 15.17 29.04 -15.63
N ILE B 282 15.00 28.15 -16.60
CA ILE B 282 15.73 26.89 -16.57
C ILE B 282 17.20 27.18 -16.91
N PRO B 283 18.14 26.64 -16.13
CA PRO B 283 19.58 26.75 -16.46
C PRO B 283 19.86 26.20 -17.86
N VAL B 284 20.76 26.86 -18.60
CA VAL B 284 20.91 26.58 -20.04
C VAL B 284 22.21 25.82 -20.41
N ASN C 3 -9.03 -5.92 -14.57
CA ASN C 3 -10.29 -6.69 -14.38
C ASN C 3 -10.40 -7.76 -15.47
N GLY C 4 -10.56 -9.00 -15.01
CA GLY C 4 -10.63 -10.16 -15.87
C GLY C 4 -12.01 -10.33 -16.47
N TYR C 5 -13.03 -9.71 -15.88
CA TYR C 5 -14.42 -9.83 -16.40
C TYR C 5 -14.73 -8.84 -17.49
N THR C 6 -15.43 -9.30 -18.52
CA THR C 6 -15.96 -8.35 -19.51
C THR C 6 -17.32 -7.83 -19.03
N TYR C 7 -17.81 -6.75 -19.63
CA TYR C 7 -19.12 -6.27 -19.29
C TYR C 7 -20.17 -7.39 -19.50
N GLU C 8 -19.97 -8.11 -20.59
CA GLU C 8 -20.90 -9.17 -20.98
C GLU C 8 -20.92 -10.30 -19.95
N ASP C 9 -19.80 -10.54 -19.26
CA ASP C 9 -19.81 -11.51 -18.16
C ASP C 9 -20.83 -11.15 -17.08
N TYR C 10 -20.86 -9.89 -16.65
CA TYR C 10 -21.81 -9.54 -15.63
C TYR C 10 -23.24 -9.69 -16.17
N GLN C 11 -23.46 -9.27 -17.44
CA GLN C 11 -24.79 -9.36 -18.06
C GLN C 11 -25.20 -10.83 -18.14
N ASP C 12 -24.27 -11.70 -18.56
CA ASP C 12 -24.57 -13.15 -18.72
C ASP C 12 -24.95 -13.77 -17.39
N THR C 13 -24.20 -13.43 -16.35
CA THR C 13 -24.51 -13.96 -15.03
C THR C 13 -25.87 -13.51 -14.52
N ALA C 14 -26.16 -12.20 -14.64
CA ALA C 14 -27.47 -11.65 -14.25
C ALA C 14 -28.59 -12.32 -15.06
N LYS C 15 -28.42 -12.45 -16.38
CA LYS C 15 -29.45 -13.09 -17.23
C LYS C 15 -29.67 -14.54 -16.80
N TRP C 16 -28.60 -15.25 -16.46
CA TRP C 16 -28.69 -16.62 -15.97
C TRP C 16 -29.50 -16.70 -14.68
N LEU C 17 -29.22 -15.83 -13.72
CA LEU C 17 -29.94 -15.84 -12.46
C LEU C 17 -31.40 -15.49 -12.69
N LEU C 18 -31.64 -14.45 -13.50
CA LEU C 18 -33.00 -13.98 -13.83
C LEU C 18 -33.83 -15.07 -14.55
N SER C 19 -33.18 -15.97 -15.27
N SER C 19 -33.15 -15.99 -15.24
CA SER C 19 -33.91 -17.06 -15.91
CA SER C 19 -33.79 -17.10 -15.96
C SER C 19 -34.24 -18.16 -14.89
C SER C 19 -33.97 -18.35 -15.11
N HIS C 20 -33.32 -18.39 -13.96
CA HIS C 20 -33.40 -19.53 -13.04
C HIS C 20 -34.22 -19.24 -11.77
N THR C 21 -34.60 -17.99 -11.58
CA THR C 21 -35.51 -17.61 -10.50
C THR C 21 -36.46 -16.53 -10.95
N GLU C 22 -37.67 -16.57 -10.41
N GLU C 22 -37.67 -16.57 -10.41
CA GLU C 22 -38.67 -15.55 -10.73
CA GLU C 22 -38.68 -15.57 -10.71
C GLU C 22 -38.62 -14.38 -9.75
C GLU C 22 -38.55 -14.36 -9.81
N GLN C 23 -37.78 -14.50 -8.73
CA GLN C 23 -37.62 -13.46 -7.73
C GLN C 23 -36.87 -12.25 -8.29
N ARG C 24 -37.28 -11.07 -7.84
CA ARG C 24 -36.76 -9.79 -8.34
C ARG C 24 -36.41 -8.86 -7.15
N PRO C 25 -35.31 -9.15 -6.45
CA PRO C 25 -34.95 -8.37 -5.26
C PRO C 25 -34.50 -6.95 -5.56
N GLN C 26 -34.80 -6.03 -4.66
CA GLN C 26 -34.27 -4.67 -4.74
C GLN C 26 -33.15 -4.47 -3.73
N VAL C 27 -32.89 -5.49 -2.91
CA VAL C 27 -31.90 -5.42 -1.81
C VAL C 27 -30.96 -6.60 -1.90
N ALA C 28 -29.65 -6.33 -1.74
CA ALA C 28 -28.65 -7.39 -1.64
C ALA C 28 -27.98 -7.25 -0.29
N VAL C 29 -27.64 -8.38 0.30
CA VAL C 29 -26.97 -8.41 1.60
C VAL C 29 -25.75 -9.27 1.51
N ILE C 30 -24.58 -8.70 1.85
CA ILE C 30 -23.35 -9.48 1.91
C ILE C 30 -23.10 -9.75 3.38
N CYS C 31 -23.22 -11.02 3.76
CA CYS C 31 -23.16 -11.43 5.17
C CYS C 31 -21.71 -11.62 5.61
N GLY C 32 -21.26 -10.80 6.54
CA GLY C 32 -19.96 -10.98 7.17
C GLY C 32 -20.07 -11.82 8.43
N SER C 33 -18.97 -11.88 9.16
CA SER C 33 -18.93 -12.68 10.39
C SER C 33 -20.08 -12.36 11.35
N GLY C 34 -20.74 -13.40 11.86
CA GLY C 34 -21.84 -13.21 12.79
C GLY C 34 -23.20 -13.21 12.11
N LEU C 35 -23.19 -13.15 10.77
CA LEU C 35 -24.43 -13.03 10.01
C LEU C 35 -24.59 -14.17 8.99
N GLY C 36 -23.74 -15.19 9.07
CA GLY C 36 -23.79 -16.35 8.17
C GLY C 36 -25.15 -17.06 8.20
N GLY C 37 -25.82 -17.00 9.34
CA GLY C 37 -27.14 -17.61 9.52
C GLY C 37 -28.32 -16.77 9.08
N LEU C 38 -28.07 -15.55 8.59
CA LEU C 38 -29.18 -14.69 8.15
C LEU C 38 -30.03 -15.32 7.06
N VAL C 39 -29.44 -16.12 6.16
CA VAL C 39 -30.20 -16.77 5.11
C VAL C 39 -31.25 -17.72 5.69
N ASN C 40 -31.06 -18.14 6.95
CA ASN C 40 -32.03 -19.04 7.59
C ASN C 40 -33.28 -18.30 8.05
N LYS C 41 -33.25 -16.97 8.08
CA LYS C 41 -34.43 -16.16 8.40
C LYS C 41 -35.29 -15.87 7.17
N LEU C 42 -34.86 -16.32 5.99
CA LEU C 42 -35.58 -16.05 4.72
C LEU C 42 -36.75 -16.99 4.49
N THR C 43 -37.83 -16.44 3.92
CA THR C 43 -38.90 -17.28 3.37
C THR C 43 -38.79 -17.38 1.85
N GLN C 44 -39.45 -18.38 1.28
CA GLN C 44 -39.43 -18.61 -0.17
C GLN C 44 -38.01 -18.65 -0.74
N ALA C 45 -37.11 -19.27 0.01
CA ALA C 45 -35.68 -19.29 -0.30
C ALA C 45 -35.35 -20.18 -1.48
N GLN C 46 -34.57 -19.67 -2.42
CA GLN C 46 -34.00 -20.47 -3.49
C GLN C 46 -32.49 -20.29 -3.47
N THR C 47 -31.77 -21.39 -3.40
N THR C 47 -31.79 -21.40 -3.40
CA THR C 47 -30.32 -21.32 -3.21
CA THR C 47 -30.35 -21.38 -3.24
C THR C 47 -29.54 -21.84 -4.41
C THR C 47 -29.65 -21.73 -4.55
N PHE C 48 -28.51 -21.09 -4.78
CA PHE C 48 -27.59 -21.46 -5.84
C PHE C 48 -26.21 -21.55 -5.20
N ASP C 49 -25.54 -22.67 -5.37
CA ASP C 49 -24.14 -22.78 -4.99
C ASP C 49 -23.33 -21.88 -5.92
N TYR C 50 -22.34 -21.18 -5.36
CA TYR C 50 -21.51 -20.31 -6.19
C TYR C 50 -20.94 -21.09 -7.36
N SER C 51 -20.60 -22.36 -7.10
CA SER C 51 -20.03 -23.26 -8.10
C SER C 51 -20.96 -23.51 -9.31
N GLU C 52 -22.24 -23.21 -9.18
CA GLU C 52 -23.16 -23.45 -10.30
C GLU C 52 -23.51 -22.20 -11.09
N ILE C 53 -23.10 -21.04 -10.58
CA ILE C 53 -23.42 -19.77 -11.23
C ILE C 53 -22.29 -19.39 -12.20
N PRO C 54 -22.62 -19.17 -13.48
CA PRO C 54 -21.60 -18.76 -14.46
C PRO C 54 -20.78 -17.56 -13.94
N ASN C 55 -19.47 -17.67 -14.04
CA ASN C 55 -18.53 -16.58 -13.72
C ASN C 55 -18.26 -16.34 -12.25
N PHE C 56 -19.01 -16.94 -11.34
CA PHE C 56 -18.78 -16.68 -9.91
C PHE C 56 -17.41 -17.18 -9.50
N PRO C 57 -16.69 -16.41 -8.68
CA PRO C 57 -15.45 -16.93 -8.10
C PRO C 57 -15.71 -18.16 -7.20
N GLY C 66 -19.61 -21.50 -0.90
CA GLY C 66 -20.55 -20.45 -0.61
C GLY C 66 -21.80 -20.54 -1.45
N ARG C 67 -22.84 -19.83 -1.03
CA ARG C 67 -24.10 -19.84 -1.76
C ARG C 67 -24.77 -18.49 -1.86
N LEU C 68 -25.48 -18.32 -2.97
CA LEU C 68 -26.29 -17.14 -3.20
C LEU C 68 -27.73 -17.56 -3.02
N VAL C 69 -28.42 -16.85 -2.15
CA VAL C 69 -29.78 -17.20 -1.76
C VAL C 69 -30.74 -16.05 -2.06
N PHE C 70 -31.77 -16.35 -2.83
CA PHE C 70 -32.84 -15.41 -3.08
C PHE C 70 -33.98 -15.77 -2.13
N GLY C 71 -34.55 -14.80 -1.46
CA GLY C 71 -35.68 -15.10 -0.60
C GLY C 71 -36.21 -13.83 -0.03
N ILE C 72 -37.11 -13.95 0.93
CA ILE C 72 -37.77 -12.78 1.47
C ILE C 72 -37.41 -12.62 2.94
N LEU C 73 -36.92 -11.42 3.30
CA LEU C 73 -36.54 -11.16 4.66
C LEU C 73 -37.49 -10.13 5.21
N ASN C 74 -38.30 -10.52 6.19
CA ASN C 74 -39.26 -9.60 6.80
C ASN C 74 -40.08 -8.90 5.71
N GLY C 75 -40.58 -9.71 4.77
CA GLY C 75 -41.41 -9.22 3.67
C GLY C 75 -40.71 -8.58 2.48
N ARG C 76 -39.39 -8.34 2.58
N ARG C 76 -39.39 -8.39 2.57
CA ARG C 76 -38.62 -7.73 1.49
CA ARG C 76 -38.60 -7.75 1.52
C ARG C 76 -37.79 -8.75 0.70
C ARG C 76 -37.75 -8.73 0.69
N ALA C 77 -37.94 -8.74 -0.62
CA ALA C 77 -37.20 -9.63 -1.50
C ALA C 77 -35.74 -9.19 -1.49
N CYS C 78 -34.90 -10.17 -1.16
N CYS C 78 -34.87 -10.14 -1.21
CA CYS C 78 -33.44 -9.98 -1.03
CA CYS C 78 -33.45 -9.83 -1.20
C CYS C 78 -32.69 -11.00 -1.87
C CYS C 78 -32.65 -10.98 -1.77
N VAL C 79 -31.44 -10.66 -2.20
CA VAL C 79 -30.47 -11.66 -2.64
C VAL C 79 -29.30 -11.56 -1.64
N MET C 80 -28.85 -12.70 -1.12
CA MET C 80 -27.87 -12.75 -0.02
CA MET C 80 -27.85 -12.69 -0.06
C MET C 80 -26.69 -13.61 -0.39
N MET C 81 -25.49 -13.09 -0.10
CA MET C 81 -24.27 -13.88 -0.17
C MET C 81 -24.04 -14.49 1.19
N GLN C 82 -24.07 -15.82 1.23
CA GLN C 82 -23.65 -16.55 2.39
C GLN C 82 -22.23 -17.00 2.07
N GLY C 83 -21.31 -16.24 2.63
CA GLY C 83 -19.89 -16.34 2.29
C GLY C 83 -19.51 -15.22 1.35
N ARG C 84 -18.51 -14.42 1.75
CA ARG C 84 -17.97 -13.40 0.87
C ARG C 84 -16.53 -13.76 0.54
N PHE C 85 -15.91 -12.96 -0.34
CA PHE C 85 -14.54 -13.20 -0.79
C PHE C 85 -13.62 -12.15 -0.16
N HIS C 86 -12.36 -12.56 0.07
CA HIS C 86 -11.40 -11.70 0.75
C HIS C 86 -10.06 -11.61 0.05
N MET C 87 -9.50 -10.40 0.05
CA MET C 87 -8.13 -10.19 -0.39
C MET C 87 -7.15 -11.17 0.27
N TYR C 88 -7.29 -11.39 1.59
CA TYR C 88 -6.30 -12.24 2.29
C TYR C 88 -6.34 -13.68 1.82
N GLU C 89 -7.44 -14.14 1.21
N GLU C 89 -7.45 -14.08 1.19
CA GLU C 89 -7.48 -15.51 0.67
CA GLU C 89 -7.62 -15.42 0.62
C GLU C 89 -6.93 -15.57 -0.76
C GLU C 89 -6.85 -15.57 -0.68
N GLY C 90 -6.44 -14.45 -1.25
CA GLY C 90 -5.78 -14.42 -2.55
C GLY C 90 -6.65 -13.97 -3.71
N TYR C 91 -7.87 -13.54 -3.43
CA TYR C 91 -8.73 -13.00 -4.50
C TYR C 91 -8.31 -11.59 -4.86
N PRO C 92 -8.21 -11.24 -6.13
CA PRO C 92 -8.07 -9.84 -6.53
C PRO C 92 -9.41 -9.13 -6.33
N PHE C 93 -9.38 -7.81 -6.17
CA PHE C 93 -10.62 -7.12 -5.88
C PHE C 93 -11.65 -7.20 -7.00
N TRP C 94 -11.22 -7.39 -8.24
CA TRP C 94 -12.20 -7.55 -9.33
C TRP C 94 -12.98 -8.87 -9.24
N LYS C 95 -12.46 -9.86 -8.53
CA LYS C 95 -13.23 -11.05 -8.20
C LYS C 95 -14.09 -10.84 -6.94
N VAL C 96 -13.49 -10.25 -5.90
CA VAL C 96 -14.18 -10.00 -4.65
C VAL C 96 -15.49 -9.25 -4.91
N THR C 97 -15.45 -8.30 -5.83
CA THR C 97 -16.59 -7.41 -6.07
C THR C 97 -17.50 -7.81 -7.23
N PHE C 98 -17.16 -8.90 -7.90
CA PHE C 98 -17.97 -9.35 -9.05
C PHE C 98 -19.48 -9.39 -8.72
N PRO C 99 -19.86 -10.00 -7.60
CA PRO C 99 -21.31 -10.09 -7.30
C PRO C 99 -22.01 -8.74 -7.21
N VAL C 100 -21.30 -7.68 -6.80
CA VAL C 100 -21.95 -6.39 -6.58
C VAL C 100 -22.51 -5.85 -7.90
N ARG C 101 -21.70 -5.95 -8.96
CA ARG C 101 -22.16 -5.51 -10.30
C ARG C 101 -23.29 -6.40 -10.83
N VAL C 102 -23.19 -7.70 -10.56
CA VAL C 102 -24.27 -8.62 -10.91
C VAL C 102 -25.54 -8.16 -10.22
N PHE C 103 -25.47 -7.81 -8.93
CA PHE C 103 -26.66 -7.36 -8.20
C PHE C 103 -27.32 -6.17 -8.88
N ARG C 104 -26.51 -5.19 -9.28
CA ARG C 104 -27.03 -4.02 -9.97
C ARG C 104 -27.81 -4.43 -11.22
N LEU C 105 -27.22 -5.33 -12.01
CA LEU C 105 -27.89 -5.80 -13.24
C LEU C 105 -29.14 -6.65 -12.97
N LEU C 106 -29.25 -7.23 -11.78
CA LEU C 106 -30.47 -7.95 -11.38
C LEU C 106 -31.59 -6.97 -11.07
N GLY C 107 -31.26 -5.70 -10.86
CA GLY C 107 -32.22 -4.70 -10.39
C GLY C 107 -32.13 -4.29 -8.95
N VAL C 108 -31.09 -4.75 -8.24
CA VAL C 108 -30.91 -4.34 -6.85
C VAL C 108 -30.61 -2.84 -6.81
N GLU C 109 -31.14 -2.17 -5.81
CA GLU C 109 -30.91 -0.72 -5.62
C GLU C 109 -30.16 -0.38 -4.34
N THR C 110 -30.17 -1.30 -3.37
CA THR C 110 -29.53 -1.06 -2.07
C THR C 110 -28.68 -2.28 -1.70
N LEU C 111 -27.47 -2.02 -1.24
CA LEU C 111 -26.58 -3.05 -0.74
C LEU C 111 -26.38 -2.87 0.75
N VAL C 112 -26.60 -3.94 1.50
CA VAL C 112 -26.26 -4.00 2.93
C VAL C 112 -25.02 -4.85 3.08
N VAL C 113 -24.01 -4.30 3.75
N VAL C 113 -24.02 -4.36 3.79
CA VAL C 113 -22.75 -5.01 4.00
CA VAL C 113 -22.77 -5.11 3.90
C VAL C 113 -22.52 -5.16 5.48
C VAL C 113 -22.28 -5.10 5.34
N THR C 114 -21.97 -6.29 5.87
CA THR C 114 -21.56 -6.42 7.25
C THR C 114 -20.20 -7.09 7.36
N ASN C 115 -19.62 -6.94 8.54
CA ASN C 115 -18.32 -7.58 8.82
C ASN C 115 -18.09 -7.71 10.30
N ALA C 116 -17.05 -8.46 10.66
CA ALA C 116 -16.48 -8.40 12.02
C ALA C 116 -15.29 -7.46 11.97
N ALA C 117 -15.01 -6.80 13.07
CA ALA C 117 -13.90 -5.85 13.14
C ALA C 117 -13.32 -5.79 14.55
N GLY C 118 -12.05 -5.41 14.66
CA GLY C 118 -11.47 -5.09 15.97
C GLY C 118 -11.78 -3.66 16.35
N GLY C 119 -12.06 -3.42 17.63
CA GLY C 119 -12.36 -2.10 18.10
C GLY C 119 -11.10 -1.31 18.36
N LEU C 120 -10.93 -0.22 17.62
CA LEU C 120 -9.86 0.73 17.86
C LEU C 120 -10.29 1.84 18.83
N ASN C 121 -11.57 2.22 18.73
CA ASN C 121 -12.16 3.22 19.62
C ASN C 121 -12.24 2.58 21.02
N PRO C 122 -11.56 3.17 22.01
CA PRO C 122 -11.53 2.53 23.34
C PRO C 122 -12.90 2.54 24.05
N ASN C 123 -13.85 3.33 23.55
CA ASN C 123 -15.21 3.36 24.09
C ASN C 123 -16.10 2.21 23.63
N PHE C 124 -15.60 1.40 22.69
CA PHE C 124 -16.35 0.24 22.22
C PHE C 124 -16.11 -0.94 23.13
N GLU C 125 -17.08 -1.84 23.13
CA GLU C 125 -16.98 -3.09 23.86
C GLU C 125 -17.24 -4.26 22.93
N VAL C 126 -16.72 -5.41 23.32
CA VAL C 126 -16.98 -6.65 22.58
C VAL C 126 -18.49 -6.86 22.50
N GLY C 127 -18.97 -7.15 21.30
CA GLY C 127 -20.39 -7.36 21.05
C GLY C 127 -21.12 -6.12 20.57
N ASP C 128 -20.43 -4.97 20.54
CA ASP C 128 -21.04 -3.76 19.98
C ASP C 128 -21.32 -3.90 18.48
N ILE C 129 -22.38 -3.24 18.04
CA ILE C 129 -22.62 -3.02 16.62
C ILE C 129 -22.20 -1.59 16.29
N MET C 130 -21.34 -1.46 15.29
CA MET C 130 -20.94 -0.14 14.81
C MET C 130 -21.48 0.13 13.42
N LEU C 131 -22.41 1.05 13.28
CA LEU C 131 -22.82 1.49 11.97
C LEU C 131 -21.63 2.11 11.27
N ILE C 132 -21.44 1.78 10.00
CA ILE C 132 -20.32 2.37 9.29
C ILE C 132 -20.75 3.73 8.72
N ARG C 133 -20.19 4.80 9.25
CA ARG C 133 -20.45 6.13 8.72
C ARG C 133 -19.50 6.46 7.58
N ASP C 134 -18.32 5.83 7.61
CA ASP C 134 -17.27 6.18 6.66
C ASP C 134 -16.23 5.07 6.67
N HIS C 135 -15.34 5.09 5.69
CA HIS C 135 -14.24 4.13 5.67
C HIS C 135 -12.93 4.78 5.27
N ILE C 136 -11.84 4.06 5.54
CA ILE C 136 -10.51 4.39 5.04
C ILE C 136 -10.03 3.16 4.30
N ASN C 137 -9.71 3.36 3.01
CA ASN C 137 -9.28 2.25 2.15
C ASN C 137 -7.76 2.20 2.03
N LEU C 138 -7.08 1.52 2.95
CA LEU C 138 -5.60 1.50 2.86
C LEU C 138 -5.10 0.82 1.59
N PRO C 139 -5.64 -0.33 1.15
CA PRO C 139 -5.13 -0.90 -0.11
C PRO C 139 -5.33 0.05 -1.27
N GLY C 140 -6.42 0.82 -1.25
CA GLY C 140 -6.62 1.82 -2.30
C GLY C 140 -5.54 2.90 -2.33
N PHE C 141 -4.90 3.19 -1.22
CA PHE C 141 -3.85 4.21 -1.25
C PHE C 141 -2.72 3.78 -2.17
N SER C 142 -2.43 2.48 -2.24
N SER C 142 -2.45 2.48 -2.25
CA SER C 142 -1.37 1.95 -3.09
CA SER C 142 -1.38 1.93 -3.09
C SER C 142 -1.86 1.44 -4.44
C SER C 142 -1.81 1.61 -4.51
N GLY C 143 -3.10 1.74 -4.78
CA GLY C 143 -3.66 1.44 -6.11
C GLY C 143 -4.35 0.11 -6.24
N GLU C 144 -4.37 -0.68 -5.17
N GLU C 144 -4.41 -0.66 -5.15
CA GLU C 144 -5.13 -1.93 -5.13
CA GLU C 144 -5.12 -1.95 -5.13
C GLU C 144 -6.58 -1.51 -5.02
C GLU C 144 -6.61 -1.69 -4.99
N ASN C 145 -7.31 -1.64 -6.12
CA ASN C 145 -8.66 -1.05 -6.18
C ASN C 145 -9.46 -1.79 -7.22
N PRO C 146 -10.71 -2.18 -6.92
CA PRO C 146 -11.50 -2.93 -7.90
C PRO C 146 -11.77 -2.18 -9.18
N LEU C 147 -11.63 -0.84 -9.15
CA LEU C 147 -11.87 -0.03 -10.33
C LEU C 147 -10.62 0.22 -11.18
N ARG C 148 -9.47 -0.26 -10.74
CA ARG C 148 -8.24 -0.06 -11.52
C ARG C 148 -8.42 -0.71 -12.87
N GLY C 149 -7.96 -0.03 -13.92
CA GLY C 149 -8.10 -0.54 -15.30
C GLY C 149 -9.08 0.34 -16.06
N PRO C 150 -9.36 0.01 -17.32
N PRO C 150 -9.36 -0.02 -17.32
CA PRO C 150 -10.26 0.85 -18.11
CA PRO C 150 -10.35 0.69 -18.12
C PRO C 150 -11.60 0.90 -17.39
C PRO C 150 -11.69 0.85 -17.43
N ASN C 151 -12.24 2.07 -17.44
CA ASN C 151 -13.53 2.27 -16.82
C ASN C 151 -14.64 1.71 -17.71
N GLU C 152 -15.58 1.01 -17.08
CA GLU C 152 -16.80 0.58 -17.79
C GLU C 152 -17.89 1.62 -17.58
N GLU C 153 -18.06 2.46 -18.59
N GLU C 153 -18.08 2.49 -18.57
CA GLU C 153 -19.00 3.56 -18.53
CA GLU C 153 -19.05 3.58 -18.48
C GLU C 153 -20.47 3.11 -18.36
C GLU C 153 -20.50 3.08 -18.30
N ARG C 154 -20.78 1.86 -18.74
CA ARG C 154 -22.12 1.33 -18.55
C ARG C 154 -22.45 1.04 -17.08
N PHE C 155 -21.41 1.01 -16.23
CA PHE C 155 -21.66 0.91 -14.81
C PHE C 155 -21.59 2.28 -14.13
N GLY C 156 -20.55 3.06 -14.46
CA GLY C 156 -20.36 4.34 -13.76
C GLY C 156 -19.22 5.14 -14.32
N VAL C 157 -18.91 6.22 -13.61
CA VAL C 157 -17.95 7.19 -14.14
C VAL C 157 -16.50 6.83 -13.81
N ARG C 158 -15.55 7.46 -14.48
CA ARG C 158 -14.14 7.14 -14.31
C ARG C 158 -13.67 7.43 -12.88
N PHE C 159 -14.11 8.55 -12.31
CA PHE C 159 -13.64 9.01 -10.99
C PHE C 159 -14.83 9.17 -10.07
N PRO C 160 -15.35 8.06 -9.53
CA PRO C 160 -16.53 8.18 -8.63
C PRO C 160 -16.16 8.76 -7.29
N ALA C 161 -17.07 9.56 -6.74
CA ALA C 161 -16.90 10.09 -5.40
C ALA C 161 -17.29 9.05 -4.36
N MET C 162 -16.58 9.09 -3.23
CA MET C 162 -16.86 8.24 -2.08
C MET C 162 -17.26 8.99 -0.83
N SER C 163 -17.33 10.32 -0.88
CA SER C 163 -17.56 11.09 0.36
C SER C 163 -18.98 10.91 0.91
N ASP C 164 -19.89 10.44 0.08
CA ASP C 164 -21.28 10.18 0.53
C ASP C 164 -21.66 8.70 0.44
N ALA C 165 -20.69 7.81 0.64
CA ALA C 165 -20.90 6.40 0.36
C ALA C 165 -21.94 5.74 1.25
N TYR C 166 -21.96 6.08 2.52
CA TYR C 166 -22.84 5.38 3.47
C TYR C 166 -24.08 6.22 3.72
N ASP C 167 -25.17 5.75 3.15
CA ASP C 167 -26.40 6.53 3.07
C ASP C 167 -26.83 7.14 4.40
N ARG C 168 -26.99 8.46 4.41
CA ARG C 168 -27.33 9.19 5.63
C ARG C 168 -28.68 8.84 6.19
N ASP C 169 -29.67 8.70 5.30
CA ASP C 169 -31.03 8.38 5.73
C ASP C 169 -31.10 7.03 6.41
N MET C 170 -30.44 6.02 5.83
N MET C 170 -30.42 6.03 5.86
CA MET C 170 -30.39 4.68 6.43
CA MET C 170 -30.43 4.70 6.48
C MET C 170 -29.75 4.68 7.83
C MET C 170 -29.74 4.67 7.84
N ARG C 171 -28.72 5.48 8.03
CA ARG C 171 -28.06 5.55 9.33
C ARG C 171 -28.97 6.17 10.40
N GLN C 172 -29.69 7.21 10.00
CA GLN C 172 -30.70 7.83 10.90
C GLN C 172 -31.78 6.82 11.26
N LYS C 173 -32.26 6.08 10.26
CA LYS C 173 -33.30 5.08 10.48
C LYS C 173 -32.79 3.88 11.29
N ALA C 174 -31.52 3.52 11.12
CA ALA C 174 -30.91 2.48 11.96
C ALA C 174 -30.87 2.89 13.44
N HIS C 175 -30.51 4.15 13.71
CA HIS C 175 -30.51 4.66 15.07
C HIS C 175 -31.93 4.60 15.69
N SER C 176 -32.93 4.99 14.91
CA SER C 176 -34.34 4.90 15.33
C SER C 176 -34.77 3.46 15.63
N THR C 177 -34.51 2.56 14.67
CA THR C 177 -34.85 1.15 14.81
C THR C 177 -34.23 0.53 16.07
N TRP C 178 -32.96 0.84 16.31
CA TRP C 178 -32.22 0.29 17.45
C TRP C 178 -32.93 0.62 18.75
N LYS C 179 -33.36 1.89 18.85
CA LYS C 179 -34.08 2.42 20.01
C LYS C 179 -35.36 1.64 20.28
N GLN C 180 -36.06 1.27 19.21
CA GLN C 180 -37.34 0.54 19.31
C GLN C 180 -37.13 -0.91 19.71
N MET C 181 -35.96 -1.46 19.39
CA MET C 181 -35.55 -2.80 19.84
C MET C 181 -35.25 -2.88 21.34
N GLY C 182 -35.11 -1.71 21.99
CA GLY C 182 -34.83 -1.63 23.43
C GLY C 182 -33.60 -2.35 23.98
N GLU C 183 -32.53 -2.48 23.19
CA GLU C 183 -31.26 -3.01 23.70
C GLU C 183 -30.65 -2.03 24.71
N GLN C 184 -29.97 -2.56 25.72
CA GLN C 184 -29.37 -1.72 26.77
C GLN C 184 -28.13 -0.98 26.25
N ARG C 185 -27.36 -1.71 25.45
CA ARG C 185 -26.14 -1.19 24.86
C ARG C 185 -26.50 -0.26 23.71
N GLU C 186 -25.89 0.92 23.66
CA GLU C 186 -26.16 1.87 22.58
C GLU C 186 -25.55 1.38 21.24
N LEU C 187 -26.12 1.88 20.15
CA LEU C 187 -25.63 1.61 18.80
C LEU C 187 -24.41 2.50 18.56
N GLN C 188 -23.30 1.89 18.17
CA GLN C 188 -22.10 2.66 17.88
C GLN C 188 -22.12 3.13 16.42
N GLU C 189 -21.27 4.11 16.09
CA GLU C 189 -21.15 4.57 14.69
C GLU C 189 -19.77 5.15 14.49
N GLY C 190 -19.12 4.84 13.36
CA GLY C 190 -17.81 5.44 13.15
C GLY C 190 -17.19 4.94 11.86
N THR C 191 -15.87 5.05 11.82
CA THR C 191 -15.07 4.84 10.62
C THR C 191 -14.41 3.46 10.66
N TYR C 192 -14.61 2.71 9.58
CA TYR C 192 -14.01 1.39 9.44
C TYR C 192 -12.79 1.53 8.53
N VAL C 193 -11.66 1.03 9.00
CA VAL C 193 -10.44 0.99 8.15
C VAL C 193 -10.20 -0.43 7.66
N MET C 194 -10.04 -0.59 6.34
CA MET C 194 -9.70 -1.87 5.77
CA MET C 194 -9.67 -1.90 5.82
C MET C 194 -8.19 -1.97 5.57
N LEU C 195 -7.63 -3.07 6.04
CA LEU C 195 -6.27 -3.47 5.62
C LEU C 195 -6.33 -4.90 5.14
N GLY C 196 -5.23 -5.36 4.54
CA GLY C 196 -5.31 -6.66 3.86
C GLY C 196 -5.42 -7.87 4.78
N GLY C 197 -4.75 -7.83 5.94
CA GLY C 197 -4.66 -9.06 6.75
C GLY C 197 -3.77 -10.10 6.06
N PRO C 198 -3.74 -11.35 6.51
CA PRO C 198 -4.64 -11.89 7.53
C PRO C 198 -4.14 -11.84 8.97
N ASN C 199 -2.90 -11.36 9.19
CA ASN C 199 -2.47 -11.25 10.59
C ASN C 199 -3.22 -10.13 11.31
N PHE C 200 -3.35 -10.26 12.63
CA PHE C 200 -3.83 -9.16 13.45
C PHE C 200 -2.70 -8.17 13.70
N GLU C 201 -3.07 -6.97 14.14
CA GLU C 201 -2.15 -5.83 14.17
C GLU C 201 -1.18 -5.87 15.33
N THR C 202 -0.02 -5.25 15.14
CA THR C 202 0.84 -4.99 16.30
C THR C 202 0.26 -3.82 17.09
N VAL C 203 0.80 -3.62 18.31
CA VAL C 203 0.42 -2.46 19.13
C VAL C 203 0.71 -1.17 18.37
N ALA C 204 1.88 -1.07 17.75
CA ALA C 204 2.22 0.16 17.05
C ALA C 204 1.26 0.43 15.91
N GLU C 205 0.86 -0.65 15.21
CA GLU C 205 -0.13 -0.47 14.13
C GLU C 205 -1.50 -0.06 14.65
N CYS C 206 -1.93 -0.67 15.75
CA CYS C 206 -3.19 -0.25 16.35
C CYS C 206 -3.21 1.22 16.75
N ARG C 207 -2.12 1.68 17.35
CA ARG C 207 -2.07 3.07 17.79
C ARG C 207 -2.13 3.98 16.57
N LEU C 208 -1.38 3.65 15.52
CA LEU C 208 -1.40 4.56 14.39
C LEU C 208 -2.76 4.56 13.67
N LEU C 209 -3.43 3.39 13.62
CA LEU C 209 -4.74 3.30 12.96
C LEU C 209 -5.77 4.16 13.70
N ARG C 210 -5.70 4.10 15.02
CA ARG C 210 -6.62 4.92 15.80
C ARG C 210 -6.30 6.41 15.55
N ASN C 211 -5.01 6.75 15.48
CA ASN C 211 -4.62 8.14 15.19
C ASN C 211 -4.96 8.58 13.75
N LEU C 212 -5.23 7.63 12.87
CA LEU C 212 -5.70 8.00 11.53
C LEU C 212 -7.18 8.41 11.59
N GLY C 213 -7.83 8.24 12.75
CA GLY C 213 -9.26 8.52 12.85
C GLY C 213 -10.17 7.33 12.74
N ALA C 214 -9.59 6.12 12.68
CA ALA C 214 -10.43 4.94 12.53
C ALA C 214 -11.01 4.49 13.89
N ASP C 215 -12.20 3.88 13.84
CA ASP C 215 -12.85 3.35 15.04
C ASP C 215 -12.83 1.85 15.09
N ALA C 216 -12.77 1.21 13.92
CA ALA C 216 -12.79 -0.25 13.80
C ALA C 216 -11.89 -0.66 12.65
N VAL C 217 -11.24 -1.80 12.80
CA VAL C 217 -10.30 -2.28 11.74
C VAL C 217 -10.75 -3.66 11.29
N GLY C 218 -10.71 -3.91 9.98
CA GLY C 218 -11.07 -5.21 9.46
C GLY C 218 -10.43 -5.49 8.12
N MET C 219 -10.93 -6.52 7.44
CA MET C 219 -10.23 -7.10 6.28
C MET C 219 -11.14 -7.27 5.08
N SER C 220 -12.27 -6.58 5.05
CA SER C 220 -13.23 -6.78 3.95
C SER C 220 -13.99 -5.47 3.65
N THR C 221 -15.09 -5.59 2.88
CA THR C 221 -16.21 -4.61 2.79
C THR C 221 -15.95 -3.40 1.92
N VAL C 222 -14.86 -2.69 2.22
CA VAL C 222 -14.53 -1.48 1.48
C VAL C 222 -14.55 -1.67 -0.07
N PRO C 223 -13.91 -2.69 -0.64
N PRO C 223 -13.95 -2.74 -0.60
CA PRO C 223 -13.90 -2.75 -2.12
CA PRO C 223 -13.99 -2.94 -2.05
C PRO C 223 -15.30 -2.97 -2.67
C PRO C 223 -15.43 -3.02 -2.57
N GLU C 224 -16.13 -3.66 -1.90
N GLU C 224 -16.27 -3.80 -1.92
CA GLU C 224 -17.52 -3.92 -2.27
CA GLU C 224 -17.66 -3.94 -2.35
C GLU C 224 -18.27 -2.61 -2.34
C GLU C 224 -18.41 -2.61 -2.29
N VAL C 225 -18.09 -1.78 -1.30
CA VAL C 225 -18.71 -0.45 -1.21
C VAL C 225 -18.30 0.45 -2.37
N ILE C 226 -17.01 0.46 -2.70
CA ILE C 226 -16.52 1.28 -3.82
C ILE C 226 -17.22 0.88 -5.10
N VAL C 227 -17.30 -0.42 -5.36
CA VAL C 227 -17.96 -0.86 -6.62
C VAL C 227 -19.45 -0.55 -6.56
N ALA C 228 -20.06 -0.71 -5.39
CA ALA C 228 -21.49 -0.40 -5.22
C ALA C 228 -21.76 1.05 -5.57
N ARG C 229 -20.97 1.96 -4.99
CA ARG C 229 -21.17 3.39 -5.26
C ARG C 229 -20.88 3.75 -6.70
N HIS C 230 -19.86 3.13 -7.29
CA HIS C 230 -19.57 3.36 -8.69
C HIS C 230 -20.77 3.03 -9.59
N CYS C 231 -21.52 1.98 -9.26
CA CYS C 231 -22.65 1.59 -10.13
C CYS C 231 -23.98 2.11 -9.60
N GLY C 232 -23.94 2.99 -8.60
CA GLY C 232 -25.08 3.78 -8.14
C GLY C 232 -25.97 3.14 -7.10
N LEU C 233 -25.50 2.09 -6.45
CA LEU C 233 -26.25 1.50 -5.36
C LEU C 233 -26.20 2.36 -4.10
N ARG C 234 -27.31 2.39 -3.37
CA ARG C 234 -27.37 2.92 -2.02
C ARG C 234 -26.69 1.86 -1.12
N VAL C 235 -25.94 2.32 -0.11
CA VAL C 235 -25.13 1.41 0.71
C VAL C 235 -25.36 1.68 2.19
N PHE C 236 -25.47 0.60 2.96
CA PHE C 236 -25.55 0.67 4.41
C PHE C 236 -24.72 -0.49 4.97
N GLY C 237 -24.02 -0.25 6.04
CA GLY C 237 -23.19 -1.34 6.60
C GLY C 237 -22.97 -1.22 8.07
N PHE C 238 -22.55 -2.34 8.65
CA PHE C 238 -22.07 -2.28 10.01
C PHE C 238 -21.03 -3.34 10.32
N SER C 239 -20.31 -3.06 11.41
CA SER C 239 -19.34 -3.96 11.98
C SER C 239 -19.84 -4.55 13.28
N LEU C 240 -19.59 -5.84 13.46
CA LEU C 240 -19.65 -6.45 14.79
C LEU C 240 -18.27 -6.32 15.44
N ILE C 241 -18.18 -5.65 16.59
CA ILE C 241 -16.90 -5.50 17.27
C ILE C 241 -16.65 -6.81 18.04
N THR C 242 -15.67 -7.58 17.61
CA THR C 242 -15.43 -8.91 18.20
C THR C 242 -14.36 -8.96 19.25
N ASN C 243 -13.61 -7.87 19.37
CA ASN C 243 -12.47 -7.77 20.26
C ASN C 243 -12.01 -6.34 20.33
N LYS C 244 -11.46 -5.95 21.47
CA LYS C 244 -10.80 -4.66 21.63
C LYS C 244 -9.34 -4.87 21.28
N VAL C 245 -8.84 -4.15 20.28
CA VAL C 245 -7.46 -4.41 19.86
C VAL C 245 -6.47 -4.07 20.98
N ILE C 246 -5.34 -4.74 20.98
CA ILE C 246 -4.33 -4.51 22.03
C ILE C 246 -3.56 -3.22 21.72
N MET C 247 -3.61 -2.27 22.68
CA MET C 247 -3.03 -0.93 22.52
C MET C 247 -1.81 -0.67 23.39
N ASP C 248 -1.41 -1.63 24.19
CA ASP C 248 -0.21 -1.42 24.99
C ASP C 248 0.57 -2.70 25.16
N TYR C 249 1.83 -2.55 25.58
CA TYR C 249 2.75 -3.66 25.61
C TYR C 249 2.64 -4.47 26.89
N GLU C 250 2.03 -3.87 27.91
CA GLU C 250 1.88 -4.52 29.23
C GLU C 250 0.78 -5.57 29.24
N SER C 251 -0.23 -5.39 28.39
CA SER C 251 -1.39 -6.29 28.34
C SER C 251 -0.99 -7.70 27.97
N GLN C 252 -1.65 -8.67 28.61
CA GLN C 252 -1.45 -10.08 28.31
C GLN C 252 -2.50 -10.58 27.32
N GLY C 253 -3.33 -9.64 26.85
CA GLY C 253 -4.31 -9.93 25.81
C GLY C 253 -3.61 -10.20 24.49
N LYS C 254 -4.29 -10.91 23.61
CA LYS C 254 -3.77 -11.23 22.29
C LYS C 254 -4.95 -11.62 21.41
N ALA C 255 -5.14 -10.90 20.30
CA ALA C 255 -6.25 -11.19 19.37
C ALA C 255 -6.17 -12.61 18.83
N ASN C 256 -7.31 -13.27 18.72
CA ASN C 256 -7.35 -14.64 18.25
C ASN C 256 -8.67 -14.97 17.61
N HIS C 257 -8.62 -15.83 16.58
CA HIS C 257 -9.81 -16.24 15.84
C HIS C 257 -10.89 -16.83 16.75
N GLU C 258 -10.48 -17.59 17.76
CA GLU C 258 -11.42 -18.23 18.69
C GLU C 258 -12.37 -17.23 19.32
N GLU C 259 -11.83 -16.16 19.89
CA GLU C 259 -12.64 -15.12 20.51
C GLU C 259 -13.52 -14.39 19.49
N VAL C 260 -13.01 -14.22 18.27
CA VAL C 260 -13.77 -13.58 17.20
C VAL C 260 -14.98 -14.46 16.83
N LEU C 261 -14.73 -15.77 16.63
CA LEU C 261 -15.81 -16.72 16.37
C LEU C 261 -16.84 -16.77 17.50
N GLU C 262 -16.36 -16.78 18.75
CA GLU C 262 -17.25 -16.77 19.92
C GLU C 262 -18.09 -15.49 20.03
N ALA C 263 -17.50 -14.33 19.75
CA ALA C 263 -18.22 -13.07 19.74
C ALA C 263 -19.31 -13.07 18.67
N GLY C 264 -18.96 -13.59 17.48
CA GLY C 264 -19.90 -13.78 16.38
C GLY C 264 -21.09 -14.63 16.79
N LYS C 265 -20.80 -15.76 17.45
CA LYS C 265 -21.87 -16.64 17.98
C LYS C 265 -22.82 -15.94 18.94
N GLN C 266 -22.27 -15.21 19.90
CA GLN C 266 -23.09 -14.54 20.91
C GLN C 266 -23.97 -13.42 20.34
N ALA C 267 -23.50 -12.78 19.27
CA ALA C 267 -24.20 -11.62 18.72
C ALA C 267 -25.13 -11.98 17.56
N ALA C 268 -25.04 -13.22 17.07
CA ALA C 268 -25.74 -13.64 15.85
C ALA C 268 -27.23 -13.28 15.83
N GLN C 269 -27.94 -13.58 16.93
CA GLN C 269 -29.36 -13.28 17.02
C GLN C 269 -29.62 -11.77 16.88
N LYS C 270 -28.87 -10.96 17.61
CA LYS C 270 -29.06 -9.51 17.62
C LYS C 270 -28.79 -8.89 16.24
N LEU C 271 -27.70 -9.33 15.61
CA LEU C 271 -27.35 -8.91 14.25
C LEU C 271 -28.46 -9.21 13.23
N GLU C 272 -28.89 -10.47 13.21
CA GLU C 272 -29.93 -10.93 12.30
C GLU C 272 -31.21 -10.15 12.52
N GLN C 273 -31.60 -9.99 13.78
CA GLN C 273 -32.82 -9.30 14.14
C GLN C 273 -32.78 -7.87 13.63
N PHE C 274 -31.62 -7.22 13.82
CA PHE C 274 -31.45 -5.83 13.46
C PHE C 274 -31.56 -5.64 11.95
N VAL C 275 -30.86 -6.50 11.19
CA VAL C 275 -30.95 -6.43 9.74
C VAL C 275 -32.36 -6.69 9.23
N SER C 276 -33.02 -7.68 9.82
N SER C 276 -33.02 -7.69 9.81
CA SER C 276 -34.40 -8.04 9.46
CA SER C 276 -34.40 -8.02 9.41
C SER C 276 -35.35 -6.87 9.65
C SER C 276 -35.34 -6.85 9.63
N LEU C 277 -35.25 -6.22 10.81
CA LEU C 277 -36.05 -5.05 11.12
C LEU C 277 -35.74 -3.87 10.20
N LEU C 278 -34.46 -3.74 9.81
CA LEU C 278 -34.05 -2.62 8.95
C LEU C 278 -34.59 -2.70 7.52
N MET C 279 -34.99 -3.90 7.11
CA MET C 279 -35.63 -4.07 5.78
C MET C 279 -36.75 -3.07 5.53
N ALA C 280 -37.54 -2.84 6.59
CA ALA C 280 -38.69 -1.94 6.54
C ALA C 280 -38.31 -0.49 6.25
N SER C 281 -37.05 -0.12 6.55
CA SER C 281 -36.57 1.25 6.38
C SER C 281 -35.92 1.51 5.01
N ILE C 282 -35.69 0.46 4.23
CA ILE C 282 -35.11 0.64 2.91
C ILE C 282 -36.17 1.14 1.92
N PRO C 283 -35.90 2.28 1.27
CA PRO C 283 -36.84 2.84 0.28
C PRO C 283 -37.24 1.83 -0.79
N VAL C 284 -38.51 1.87 -1.19
CA VAL C 284 -39.04 1.01 -2.24
C VAL C 284 -39.22 1.82 -3.53
#